data_4XDL
#
_entry.id   4XDL
#
_cell.length_a   101.710
_cell.length_b   109.840
_cell.length_c   166.740
_cell.angle_alpha   90.00
_cell.angle_beta   90.00
_cell.angle_gamma   90.00
#
_symmetry.space_group_name_H-M   'P 21 21 21'
#
loop_
_entity.id
_entity.type
_entity.pdbx_description
1 polymer 'Potassium channel subfamily K member 10'
2 non-polymer 'POTASSIUM ION'
3 non-polymer 1,2-DIACYL-SN-GLYCERO-3-PHOSPHOCHOLINE
4 non-polymer 'CADMIUM ION'
5 non-polymer 3-[2-bromanyl-4-(trifluoromethyl)phenoxy]-N-methyl-3-phenyl-propan-1-amine
#
_entity_poly.entity_id   1
_entity_poly.type   'polypeptide(L)'
_entity_poly.pdbx_seq_one_letter_code
;MGLQTVMKWKTVVAIFVVVVVYLVTGGLVFRALEQPFESSQKNTIALEKAEFLRDHVCVSPQELETLIQHALDADNAGVS
PIGNSSNNSSHWDLGSAFFFAGTVITTIGYGNIAPSTEGGKIFCILYAIFGIPLFGFLLAGIGDQLGTIFGKSIARVEKV
FRKKQVSQTKIRVISTILFILAGCIVFVTIPAVIFKYIEGWTALESIYFVVVTLTTVGFGDFVAGGNAGINYREWYKPLV
WFWILVGLAYFAAVLSMIGDWLRVLSKKTKEEVGEAENLYFQ
;
_entity_poly.pdbx_strand_id   A,B,C,D
#
loop_
_chem_comp.id
_chem_comp.type
_chem_comp.name
_chem_comp.formula
40D non-polymer 3-[2-bromanyl-4-(trifluoromethyl)phenoxy]-N-methyl-3-phenyl-propan-1-amine 'C17 H17 Br F3 N O'
CD non-polymer 'CADMIUM ION' 'Cd 2'
K non-polymer 'POTASSIUM ION' 'K 1'
PC1 non-polymer 1,2-DIACYL-SN-GLYCERO-3-PHOSPHOCHOLINE 'C44 H88 N O8 P'
#
# COMPACT_ATOMS: atom_id res chain seq x y z
N LYS A 8 -22.78 49.40 -25.85
CA LYS A 8 -21.97 49.38 -27.08
C LYS A 8 -21.25 48.05 -27.24
N TRP A 9 -20.97 47.61 -28.50
CA TRP A 9 -20.28 46.35 -28.79
C TRP A 9 -18.78 46.44 -28.44
N LYS A 10 -18.18 47.65 -28.53
CA LYS A 10 -16.78 47.88 -28.20
C LYS A 10 -16.47 47.43 -26.76
N THR A 11 -17.37 47.74 -25.81
CA THR A 11 -17.24 47.36 -24.41
C THR A 11 -17.64 45.87 -24.20
N VAL A 12 -18.46 45.28 -25.12
CA VAL A 12 -18.85 43.86 -25.06
C VAL A 12 -17.60 43.03 -25.31
N VAL A 13 -16.78 43.41 -26.33
CA VAL A 13 -15.52 42.74 -26.65
C VAL A 13 -14.54 42.93 -25.48
N ALA A 14 -14.57 44.14 -24.85
CA ALA A 14 -13.75 44.45 -23.67
C ALA A 14 -14.10 43.52 -22.52
N ILE A 15 -15.42 43.30 -22.25
CA ILE A 15 -15.93 42.40 -21.21
C ILE A 15 -15.48 40.95 -21.56
N PHE A 16 -15.54 40.57 -22.86
CA PHE A 16 -15.14 39.25 -23.33
C PHE A 16 -13.66 38.96 -23.05
N VAL A 17 -12.77 39.95 -23.28
CA VAL A 17 -11.33 39.80 -23.03
C VAL A 17 -11.10 39.61 -21.52
N VAL A 18 -11.76 40.43 -20.68
CA VAL A 18 -11.68 40.36 -19.22
C VAL A 18 -12.10 38.95 -18.75
N VAL A 19 -13.20 38.40 -19.30
CA VAL A 19 -13.75 37.07 -18.99
C VAL A 19 -12.74 35.97 -19.39
N VAL A 20 -12.18 36.02 -20.63
CA VAL A 20 -11.22 35.02 -21.11
C VAL A 20 -9.95 35.07 -20.23
N VAL A 21 -9.47 36.28 -19.88
CA VAL A 21 -8.31 36.48 -18.99
C VAL A 21 -8.62 35.88 -17.60
N TYR A 22 -9.83 36.16 -17.06
CA TYR A 22 -10.34 35.69 -15.77
C TYR A 22 -10.38 34.17 -15.71
N LEU A 23 -10.76 33.50 -16.83
CA LEU A 23 -10.82 32.05 -16.92
C LEU A 23 -9.43 31.42 -16.97
N VAL A 24 -8.50 32.04 -17.75
CA VAL A 24 -7.11 31.57 -17.86
C VAL A 24 -6.45 31.75 -16.47
N THR A 25 -6.68 32.90 -15.79
CA THR A 25 -6.19 33.20 -14.45
C THR A 25 -6.74 32.15 -13.47
N GLY A 26 -8.08 32.01 -13.40
CA GLY A 26 -8.77 31.06 -12.55
C GLY A 26 -8.28 29.65 -12.74
N GLY A 27 -8.12 29.26 -14.01
CA GLY A 27 -7.62 27.95 -14.43
C GLY A 27 -6.25 27.64 -13.85
N LEU A 28 -5.31 28.61 -13.94
CA LEU A 28 -3.95 28.48 -13.41
C LEU A 28 -3.94 28.39 -11.88
N VAL A 29 -4.85 29.13 -11.20
CA VAL A 29 -4.97 29.13 -9.74
C VAL A 29 -5.53 27.78 -9.26
N PHE A 30 -6.63 27.29 -9.90
CA PHE A 30 -7.25 26.01 -9.59
C PHE A 30 -6.29 24.86 -9.80
N ARG A 31 -5.47 24.92 -10.88
CA ARG A 31 -4.43 23.94 -11.20
C ARG A 31 -3.46 23.85 -10.03
N ALA A 32 -2.83 24.99 -9.69
CA ALA A 32 -1.85 25.14 -8.62
C ALA A 32 -2.38 24.65 -7.26
N LEU A 33 -3.69 24.77 -7.02
CA LEU A 33 -4.32 24.37 -5.77
C LEU A 33 -4.76 22.91 -5.74
N GLU A 34 -5.33 22.39 -6.85
CA GLU A 34 -5.92 21.05 -6.92
C GLU A 34 -5.11 19.95 -7.60
N GLN A 35 -4.34 20.24 -8.67
CA GLN A 35 -3.52 19.23 -9.38
C GLN A 35 -2.56 18.48 -8.41
N PRO A 36 -1.87 19.11 -7.40
CA PRO A 36 -1.00 18.32 -6.51
C PRO A 36 -1.76 17.25 -5.74
N PHE A 37 -2.99 17.55 -5.29
CA PHE A 37 -3.86 16.61 -4.57
C PHE A 37 -4.38 15.53 -5.53
N GLU A 38 -4.75 15.93 -6.77
CA GLU A 38 -5.26 15.03 -7.82
C GLU A 38 -4.20 14.00 -8.18
N SER A 39 -2.93 14.44 -8.27
CA SER A 39 -1.79 13.59 -8.56
C SER A 39 -1.46 12.70 -7.35
N SER A 40 -1.77 13.18 -6.13
CA SER A 40 -1.58 12.45 -4.88
C SER A 40 -2.57 11.29 -4.78
N GLN A 41 -3.87 11.54 -5.07
CA GLN A 41 -4.92 10.52 -5.04
C GLN A 41 -4.74 9.49 -6.17
N LYS A 42 -4.10 9.90 -7.28
CA LYS A 42 -3.79 9.07 -8.45
C LYS A 42 -2.85 7.93 -8.04
N ASN A 43 -1.86 8.27 -7.21
CA ASN A 43 -0.83 7.39 -6.67
C ASN A 43 -1.42 6.51 -5.56
N THR A 44 -2.21 7.10 -4.62
CA THR A 44 -2.82 6.40 -3.48
C THR A 44 -3.71 5.23 -3.93
N ILE A 45 -4.57 5.44 -4.95
CA ILE A 45 -5.46 4.38 -5.45
C ILE A 45 -4.64 3.25 -6.09
N ALA A 46 -3.60 3.60 -6.86
CA ALA A 46 -2.69 2.67 -7.53
C ALA A 46 -1.94 1.81 -6.50
N LEU A 47 -1.59 2.42 -5.34
CA LEU A 47 -0.91 1.74 -4.25
C LEU A 47 -1.86 0.81 -3.52
N GLU A 48 -3.04 1.33 -3.07
CA GLU A 48 -4.06 0.61 -2.31
C GLU A 48 -4.58 -0.63 -3.06
N LYS A 49 -4.76 -0.53 -4.39
CA LYS A 49 -5.22 -1.64 -5.25
C LYS A 49 -4.15 -2.72 -5.33
N ALA A 50 -2.89 -2.32 -5.60
CA ALA A 50 -1.75 -3.23 -5.69
C ALA A 50 -1.45 -3.85 -4.32
N GLU A 51 -1.78 -3.13 -3.23
CA GLU A 51 -1.64 -3.55 -1.84
C GLU A 51 -2.67 -4.62 -1.52
N PHE A 52 -3.93 -4.41 -1.97
CA PHE A 52 -5.02 -5.34 -1.74
C PHE A 52 -4.73 -6.69 -2.40
N LEU A 53 -4.16 -6.67 -3.62
CA LEU A 53 -3.82 -7.87 -4.38
C LEU A 53 -2.63 -8.64 -3.79
N ARG A 54 -1.66 -7.93 -3.16
CA ARG A 54 -0.50 -8.56 -2.56
C ARG A 54 -0.84 -9.08 -1.15
N ASP A 55 -1.84 -8.46 -0.49
CA ASP A 55 -2.30 -8.86 0.84
C ASP A 55 -3.36 -9.96 0.73
N HIS A 56 -4.09 -10.01 -0.39
CA HIS A 56 -5.09 -11.03 -0.66
C HIS A 56 -4.72 -11.72 -1.97
N VAL A 57 -3.90 -12.79 -1.85
CA VAL A 57 -3.37 -13.60 -2.94
C VAL A 57 -4.50 -14.35 -3.70
N CYS A 58 -5.57 -14.75 -2.99
CA CYS A 58 -6.72 -15.48 -3.54
C CYS A 58 -7.53 -14.63 -4.56
N VAL A 59 -7.33 -13.30 -4.57
CA VAL A 59 -7.99 -12.34 -5.47
C VAL A 59 -7.08 -12.06 -6.68
N SER A 60 -7.62 -12.25 -7.90
CA SER A 60 -6.94 -12.00 -9.16
C SER A 60 -7.02 -10.50 -9.52
N PRO A 61 -6.14 -9.94 -10.40
CA PRO A 61 -6.25 -8.51 -10.73
C PRO A 61 -7.56 -8.16 -11.43
N GLN A 62 -8.11 -9.09 -12.25
CA GLN A 62 -9.36 -8.90 -12.97
C GLN A 62 -10.56 -9.03 -12.01
N GLU A 63 -10.50 -9.98 -11.05
CA GLU A 63 -11.53 -10.20 -10.02
C GLU A 63 -11.73 -8.93 -9.18
N LEU A 64 -10.62 -8.20 -8.94
CA LEU A 64 -10.57 -6.92 -8.24
C LEU A 64 -11.27 -5.85 -9.07
N GLU A 65 -10.90 -5.73 -10.38
CA GLU A 65 -11.46 -4.77 -11.35
C GLU A 65 -12.98 -4.92 -11.48
N THR A 66 -13.45 -6.18 -11.53
CA THR A 66 -14.86 -6.56 -11.64
C THR A 66 -15.63 -6.00 -10.43
N LEU A 67 -15.09 -6.21 -9.20
CA LEU A 67 -15.70 -5.72 -7.96
C LEU A 67 -15.73 -4.19 -7.91
N ILE A 68 -14.59 -3.52 -8.23
CA ILE A 68 -14.50 -2.05 -8.22
C ILE A 68 -15.55 -1.51 -9.20
N GLN A 69 -15.70 -2.17 -10.37
CA GLN A 69 -16.71 -1.78 -11.36
C GLN A 69 -18.12 -1.88 -10.78
N HIS A 70 -18.42 -3.01 -10.08
CA HIS A 70 -19.71 -3.24 -9.43
C HIS A 70 -20.00 -2.17 -8.37
N ALA A 71 -18.95 -1.76 -7.63
CA ALA A 71 -19.03 -0.73 -6.59
C ALA A 71 -19.38 0.61 -7.20
N LEU A 72 -18.72 0.96 -8.31
CA LEU A 72 -18.93 2.22 -9.03
C LEU A 72 -20.33 2.24 -9.67
N ASP A 73 -20.72 1.15 -10.36
CA ASP A 73 -22.03 0.99 -11.01
C ASP A 73 -23.17 1.32 -10.04
N ALA A 74 -23.05 0.82 -8.79
CA ALA A 74 -24.02 1.04 -7.72
C ALA A 74 -24.01 2.50 -7.30
N ASP A 75 -22.81 3.08 -7.10
CA ASP A 75 -22.63 4.47 -6.69
C ASP A 75 -23.19 5.46 -7.72
N ASN A 76 -23.06 5.12 -9.03
CA ASN A 76 -23.56 5.93 -10.14
C ASN A 76 -25.09 5.97 -10.12
N ALA A 77 -25.71 4.84 -9.70
CA ALA A 77 -27.16 4.69 -9.57
C ALA A 77 -27.70 5.35 -8.27
N GLY A 78 -26.78 5.79 -7.40
CA GLY A 78 -27.12 6.44 -6.14
C GLY A 78 -27.21 5.52 -4.94
N VAL A 79 -26.66 4.29 -5.07
CA VAL A 79 -26.63 3.28 -4.02
C VAL A 79 -25.20 3.13 -3.52
N SER A 80 -24.94 3.48 -2.25
CA SER A 80 -23.60 3.40 -1.67
C SER A 80 -23.15 1.94 -1.57
N PRO A 81 -21.98 1.58 -2.15
CA PRO A 81 -21.53 0.19 -2.06
C PRO A 81 -20.85 -0.12 -0.71
N ILE A 82 -21.26 0.59 0.36
CA ILE A 82 -20.76 0.45 1.72
C ILE A 82 -21.92 0.06 2.64
N GLY A 83 -21.82 -1.11 3.26
CA GLY A 83 -22.82 -1.62 4.21
C GLY A 83 -24.11 -2.15 3.62
N ASN A 84 -24.72 -3.12 4.31
CA ASN A 84 -25.97 -3.78 3.96
C ASN A 84 -27.18 -3.08 4.58
N SER A 85 -27.00 -2.46 5.77
CA SER A 85 -28.04 -1.75 6.52
C SER A 85 -28.50 -0.47 5.81
N SER A 86 -27.63 0.11 4.94
CA SER A 86 -27.90 1.31 4.15
C SER A 86 -29.05 1.09 3.14
N ASN A 87 -29.38 -0.20 2.86
CA ASN A 87 -30.44 -0.63 1.95
C ASN A 87 -31.81 -0.59 2.67
N ASN A 88 -32.20 0.63 3.10
CA ASN A 88 -33.44 0.96 3.79
C ASN A 88 -33.83 2.43 3.50
N SER A 89 -32.81 3.27 3.23
CA SER A 89 -32.94 4.71 2.92
C SER A 89 -32.99 4.91 1.41
N SER A 90 -34.06 5.54 0.91
CA SER A 90 -34.27 5.80 -0.51
C SER A 90 -33.90 7.22 -0.92
N HIS A 91 -33.58 7.41 -2.21
CA HIS A 91 -33.23 8.68 -2.83
C HIS A 91 -34.38 9.22 -3.67
N TRP A 92 -35.39 8.36 -3.94
CA TRP A 92 -36.54 8.70 -4.77
C TRP A 92 -37.88 8.63 -4.01
N ASP A 93 -37.85 8.62 -2.65
CA ASP A 93 -39.05 8.66 -1.82
C ASP A 93 -39.66 10.06 -1.95
N LEU A 94 -41.00 10.20 -1.92
CA LEU A 94 -41.75 11.46 -2.10
C LEU A 94 -40.97 12.72 -1.63
N GLY A 95 -40.43 12.68 -0.40
CA GLY A 95 -39.67 13.77 0.20
C GLY A 95 -38.42 14.15 -0.56
N SER A 96 -37.56 13.15 -0.82
CA SER A 96 -36.29 13.27 -1.55
C SER A 96 -36.53 13.50 -3.06
N ALA A 97 -37.66 13.01 -3.58
CA ALA A 97 -38.08 13.18 -4.97
C ALA A 97 -38.63 14.58 -5.18
N PHE A 98 -39.21 15.19 -4.11
CA PHE A 98 -39.72 16.57 -4.12
C PHE A 98 -38.52 17.52 -4.16
N PHE A 99 -37.53 17.28 -3.27
CA PHE A 99 -36.32 18.08 -3.20
C PHE A 99 -35.52 17.93 -4.51
N PHE A 100 -35.54 16.74 -5.16
CA PHE A 100 -34.84 16.54 -6.44
C PHE A 100 -35.51 17.37 -7.53
N ALA A 101 -36.87 17.36 -7.54
CA ALA A 101 -37.66 18.11 -8.52
C ALA A 101 -37.32 19.60 -8.43
N GLY A 102 -37.23 20.13 -7.20
CA GLY A 102 -36.86 21.51 -6.89
C GLY A 102 -35.44 21.86 -7.25
N THR A 103 -34.54 20.86 -7.20
CA THR A 103 -33.12 20.98 -7.55
C THR A 103 -32.98 21.27 -9.06
N VAL A 104 -33.89 20.70 -9.89
CA VAL A 104 -33.95 20.88 -11.34
C VAL A 104 -34.49 22.29 -11.67
N ILE A 105 -35.63 22.67 -11.04
CA ILE A 105 -36.40 23.91 -11.21
C ILE A 105 -35.58 25.16 -10.80
N THR A 106 -34.70 25.05 -9.79
CA THR A 106 -33.85 26.15 -9.32
C THR A 106 -32.54 26.27 -10.12
N THR A 107 -32.27 25.29 -11.03
CA THR A 107 -31.07 25.15 -11.88
C THR A 107 -29.83 24.89 -11.01
N ILE A 108 -30.00 24.34 -9.79
CA ILE A 108 -28.89 24.00 -8.90
C ILE A 108 -28.28 22.68 -9.41
N GLY A 109 -29.14 21.72 -9.75
CA GLY A 109 -28.81 20.41 -10.30
C GLY A 109 -27.64 19.72 -9.62
N TYR A 110 -27.71 19.64 -8.27
CA TYR A 110 -26.71 19.11 -7.36
C TYR A 110 -25.84 18.02 -7.99
N GLY A 111 -26.40 16.89 -8.35
CA GLY A 111 -25.60 15.86 -8.99
C GLY A 111 -25.12 14.73 -8.12
N ASN A 112 -25.58 14.68 -6.85
CA ASN A 112 -25.31 13.57 -5.94
C ASN A 112 -26.22 12.40 -6.36
N ILE A 113 -27.34 12.75 -7.04
CA ILE A 113 -28.32 11.84 -7.63
C ILE A 113 -28.86 12.50 -8.93
N ALA A 114 -28.99 11.68 -9.99
CA ALA A 114 -29.48 12.11 -11.30
C ALA A 114 -30.32 10.98 -11.94
N PRO A 115 -31.24 11.25 -12.91
CA PRO A 115 -32.03 10.16 -13.49
C PRO A 115 -31.17 9.13 -14.24
N SER A 116 -31.34 7.84 -13.91
CA SER A 116 -30.61 6.72 -14.52
C SER A 116 -31.40 6.13 -15.68
N THR A 117 -32.74 5.98 -15.51
CA THR A 117 -33.68 5.46 -16.51
C THR A 117 -33.71 6.35 -17.74
N GLU A 118 -33.91 5.76 -18.93
CA GLU A 118 -34.03 6.48 -20.20
C GLU A 118 -35.23 7.43 -20.12
N GLY A 119 -36.35 6.91 -19.59
CA GLY A 119 -37.58 7.67 -19.38
C GLY A 119 -37.44 8.76 -18.35
N GLY A 120 -36.65 8.47 -17.31
CA GLY A 120 -36.34 9.42 -16.24
C GLY A 120 -35.61 10.62 -16.77
N LYS A 121 -34.70 10.40 -17.76
CA LYS A 121 -33.93 11.44 -18.44
C LYS A 121 -34.84 12.23 -19.40
N ILE A 122 -35.74 11.52 -20.15
CA ILE A 122 -36.70 12.14 -21.07
C ILE A 122 -37.59 13.11 -20.29
N PHE A 123 -38.20 12.63 -19.17
CA PHE A 123 -39.07 13.43 -18.31
C PHE A 123 -38.32 14.61 -17.72
N CYS A 124 -37.05 14.41 -17.32
CA CYS A 124 -36.20 15.45 -16.74
C CYS A 124 -35.96 16.62 -17.72
N ILE A 125 -35.79 16.31 -19.04
CA ILE A 125 -35.59 17.30 -20.10
C ILE A 125 -36.83 18.19 -20.19
N LEU A 126 -38.03 17.56 -20.27
CA LEU A 126 -39.32 18.25 -20.35
C LEU A 126 -39.66 18.98 -19.05
N TYR A 127 -39.29 18.38 -17.89
CA TYR A 127 -39.53 18.93 -16.57
C TYR A 127 -38.73 20.22 -16.35
N ALA A 128 -37.50 20.29 -16.90
CA ALA A 128 -36.65 21.47 -16.81
C ALA A 128 -37.11 22.57 -17.79
N ILE A 129 -37.48 22.18 -19.03
CA ILE A 129 -37.94 23.07 -20.10
C ILE A 129 -39.14 23.94 -19.66
N PHE A 130 -40.14 23.35 -18.95
CA PHE A 130 -41.32 24.07 -18.49
C PHE A 130 -41.21 24.53 -17.04
N GLY A 131 -40.46 23.79 -16.23
CA GLY A 131 -40.29 24.09 -14.82
C GLY A 131 -39.41 25.26 -14.45
N ILE A 132 -38.26 25.43 -15.16
CA ILE A 132 -37.30 26.53 -14.92
C ILE A 132 -38.02 27.89 -15.18
N PRO A 133 -38.79 28.11 -16.29
CA PRO A 133 -39.49 29.40 -16.45
C PRO A 133 -40.59 29.59 -15.39
N LEU A 134 -41.25 28.48 -14.94
CA LEU A 134 -42.29 28.52 -13.90
C LEU A 134 -41.73 29.06 -12.57
N PHE A 135 -40.47 28.69 -12.24
CA PHE A 135 -39.80 29.18 -11.04
C PHE A 135 -39.35 30.61 -11.23
N GLY A 136 -39.00 30.97 -12.47
CA GLY A 136 -38.60 32.31 -12.86
C GLY A 136 -39.69 33.31 -12.55
N PHE A 137 -40.97 32.93 -12.80
CA PHE A 137 -42.15 33.71 -12.50
C PHE A 137 -42.32 33.91 -10.99
N LEU A 138 -42.13 32.83 -10.19
CA LEU A 138 -42.25 32.89 -8.73
C LEU A 138 -41.14 33.78 -8.15
N LEU A 139 -39.93 33.66 -8.70
CA LEU A 139 -38.78 34.44 -8.26
C LEU A 139 -38.92 35.90 -8.65
N ALA A 140 -39.50 36.19 -9.85
CA ALA A 140 -39.78 37.55 -10.30
C ALA A 140 -40.95 38.14 -9.51
N GLY A 141 -41.84 37.27 -9.04
CA GLY A 141 -43.00 37.63 -8.22
C GLY A 141 -42.57 38.15 -6.86
N ILE A 142 -41.73 37.37 -6.16
CA ILE A 142 -41.16 37.74 -4.84
C ILE A 142 -40.11 38.86 -5.07
N GLY A 143 -39.43 38.81 -6.22
CA GLY A 143 -38.44 39.79 -6.65
C GLY A 143 -38.99 41.19 -6.86
N ASP A 144 -40.25 41.29 -7.35
CA ASP A 144 -40.96 42.57 -7.56
C ASP A 144 -41.48 43.12 -6.23
N GLN A 145 -41.99 42.24 -5.35
CA GLN A 145 -42.51 42.61 -4.03
C GLN A 145 -41.39 43.13 -3.13
N LEU A 146 -40.24 42.43 -3.09
CA LEU A 146 -39.07 42.82 -2.30
C LEU A 146 -38.39 44.05 -2.90
N GLY A 147 -38.43 44.18 -4.23
CA GLY A 147 -37.86 45.30 -4.98
C GLY A 147 -38.55 46.62 -4.68
N THR A 148 -39.88 46.58 -4.42
CA THR A 148 -40.70 47.73 -4.05
C THR A 148 -40.32 48.16 -2.61
N ILE A 149 -40.06 47.17 -1.73
CA ILE A 149 -39.64 47.37 -0.34
C ILE A 149 -38.24 48.01 -0.34
N PHE A 150 -37.34 47.55 -1.26
CA PHE A 150 -35.98 48.10 -1.45
C PHE A 150 -36.03 49.53 -1.99
N GLY A 151 -36.97 49.78 -2.90
CA GLY A 151 -37.19 51.07 -3.53
C GLY A 151 -37.72 52.12 -2.57
N LYS A 152 -38.59 51.69 -1.63
CA LYS A 152 -39.18 52.54 -0.59
C LYS A 152 -38.12 52.87 0.47
N SER A 153 -37.26 51.88 0.78
CA SER A 153 -36.17 52.01 1.76
C SER A 153 -35.08 52.96 1.26
N ILE A 154 -34.68 52.83 -0.04
CA ILE A 154 -33.65 53.67 -0.67
C ILE A 154 -34.17 55.10 -0.83
N ALA A 155 -35.49 55.29 -1.14
CA ALA A 155 -36.14 56.60 -1.28
C ALA A 155 -36.12 57.37 0.04
N ARG A 156 -36.27 56.64 1.18
CA ARG A 156 -36.24 57.19 2.54
C ARG A 156 -34.83 57.69 2.87
N VAL A 157 -33.79 56.92 2.48
CA VAL A 157 -32.37 57.23 2.68
C VAL A 157 -31.95 58.38 1.75
N GLU A 158 -32.51 58.41 0.51
CA GLU A 158 -32.24 59.41 -0.52
C GLU A 158 -32.67 60.82 -0.07
N LYS A 159 -33.83 60.93 0.62
CA LYS A 159 -34.36 62.20 1.13
C LYS A 159 -33.50 62.73 2.28
N VAL A 160 -32.92 61.82 3.09
CA VAL A 160 -32.06 62.14 4.23
C VAL A 160 -30.69 62.66 3.76
N PHE A 161 -30.02 61.92 2.83
CA PHE A 161 -28.69 62.27 2.32
C PHE A 161 -28.71 63.36 1.22
N ARG A 162 -29.92 63.72 0.69
CA ARG A 162 -30.05 64.78 -0.32
C ARG A 162 -29.73 66.13 0.31
N LYS A 163 -30.15 66.32 1.58
CA LYS A 163 -29.89 67.51 2.39
C LYS A 163 -28.41 67.57 2.79
N LYS A 164 -27.75 66.38 2.88
CA LYS A 164 -26.33 66.22 3.22
C LYS A 164 -25.42 66.44 1.99
N GLN A 165 -26.02 66.75 0.82
CA GLN A 165 -25.39 67.01 -0.48
C GLN A 165 -24.59 65.78 -0.96
N VAL A 166 -25.32 64.66 -1.16
CA VAL A 166 -24.80 63.38 -1.66
C VAL A 166 -25.50 63.02 -2.96
N SER A 167 -24.72 62.61 -3.98
CA SER A 167 -25.22 62.24 -5.32
C SER A 167 -26.07 60.97 -5.26
N GLN A 168 -27.09 60.89 -6.14
CA GLN A 168 -28.04 59.76 -6.22
C GLN A 168 -27.32 58.44 -6.46
N THR A 169 -26.25 58.45 -7.29
CA THR A 169 -25.45 57.26 -7.61
C THR A 169 -24.72 56.76 -6.34
N LYS A 170 -24.11 57.69 -5.56
CA LYS A 170 -23.39 57.38 -4.32
C LYS A 170 -24.33 56.77 -3.27
N ILE A 171 -25.58 57.28 -3.18
CA ILE A 171 -26.61 56.79 -2.25
C ILE A 171 -27.04 55.37 -2.70
N ARG A 172 -27.34 55.20 -3.99
CA ARG A 172 -27.75 53.93 -4.61
C ARG A 172 -26.68 52.84 -4.44
N VAL A 173 -25.39 53.19 -4.62
CA VAL A 173 -24.27 52.25 -4.50
C VAL A 173 -24.13 51.76 -3.04
N ILE A 174 -24.07 52.69 -2.06
CA ILE A 174 -23.93 52.39 -0.62
C ILE A 174 -25.13 51.54 -0.13
N SER A 175 -26.37 51.88 -0.59
CA SER A 175 -27.59 51.15 -0.24
C SER A 175 -27.54 49.70 -0.71
N THR A 176 -27.08 49.47 -1.96
CA THR A 176 -26.98 48.16 -2.60
C THR A 176 -25.97 47.29 -1.82
N ILE A 177 -24.80 47.87 -1.42
CA ILE A 177 -23.76 47.19 -0.63
C ILE A 177 -24.38 46.71 0.69
N LEU A 178 -25.22 47.57 1.32
CA LEU A 178 -25.92 47.28 2.58
C LEU A 178 -26.93 46.15 2.40
N PHE A 179 -27.69 46.14 1.27
CA PHE A 179 -28.65 45.08 0.97
C PHE A 179 -27.94 43.75 0.70
N ILE A 180 -26.77 43.80 0.04
CA ILE A 180 -25.93 42.64 -0.26
C ILE A 180 -25.41 42.07 1.07
N LEU A 181 -24.88 42.94 1.96
CA LEU A 181 -24.36 42.57 3.29
C LEU A 181 -25.46 41.98 4.19
N ALA A 182 -26.69 42.54 4.11
CA ALA A 182 -27.85 42.07 4.88
C ALA A 182 -28.17 40.60 4.55
N GLY A 183 -28.19 40.28 3.26
CA GLY A 183 -28.43 38.94 2.76
C GLY A 183 -27.29 37.98 3.05
N CYS A 184 -26.06 38.53 3.15
CA CYS A 184 -24.85 37.76 3.46
C CYS A 184 -24.86 37.28 4.90
N ILE A 185 -25.61 37.94 5.79
CA ILE A 185 -25.72 37.52 7.20
C ILE A 185 -26.92 36.58 7.33
N VAL A 186 -28.12 37.07 6.98
CA VAL A 186 -29.42 36.40 7.07
C VAL A 186 -29.47 35.08 6.25
N PHE A 187 -29.03 35.10 4.96
CA PHE A 187 -29.13 33.94 4.07
C PHE A 187 -27.80 33.21 3.80
N VAL A 188 -26.65 33.79 4.21
CA VAL A 188 -25.37 33.12 3.94
C VAL A 188 -24.68 32.70 5.26
N THR A 189 -24.39 33.65 6.18
CA THR A 189 -23.68 33.40 7.44
C THR A 189 -24.51 32.53 8.41
N ILE A 190 -25.69 33.02 8.85
CA ILE A 190 -26.59 32.34 9.78
C ILE A 190 -26.92 30.89 9.31
N PRO A 191 -27.35 30.61 8.04
CA PRO A 191 -27.63 29.21 7.65
C PRO A 191 -26.38 28.31 7.66
N ALA A 192 -25.20 28.86 7.29
CA ALA A 192 -23.93 28.12 7.30
C ALA A 192 -23.60 27.64 8.72
N VAL A 193 -23.84 28.50 9.73
CA VAL A 193 -23.65 28.20 11.15
C VAL A 193 -24.60 27.05 11.56
N ILE A 194 -25.85 27.08 11.06
CA ILE A 194 -26.87 26.05 11.31
C ILE A 194 -26.42 24.72 10.68
N PHE A 195 -25.95 24.76 9.40
CA PHE A 195 -25.46 23.55 8.70
C PHE A 195 -24.20 22.99 9.37
N LYS A 196 -23.36 23.86 9.97
CA LYS A 196 -22.14 23.47 10.67
C LYS A 196 -22.46 22.55 11.84
N TYR A 197 -23.52 22.88 12.62
CA TYR A 197 -23.96 22.11 13.78
C TYR A 197 -24.82 20.90 13.39
N ILE A 198 -25.75 21.07 12.42
CA ILE A 198 -26.67 19.99 11.99
C ILE A 198 -25.91 18.93 11.18
N GLU A 199 -25.34 19.31 10.02
CA GLU A 199 -24.63 18.40 9.11
C GLU A 199 -23.28 17.92 9.64
N GLY A 200 -22.70 18.67 10.58
CA GLY A 200 -21.40 18.36 11.17
C GLY A 200 -20.25 18.62 10.23
N TRP A 201 -20.37 19.69 9.41
CA TRP A 201 -19.33 20.11 8.45
C TRP A 201 -18.38 21.11 9.09
N THR A 202 -17.22 21.35 8.46
CA THR A 202 -16.27 22.35 8.98
C THR A 202 -16.80 23.76 8.63
N ALA A 203 -16.28 24.80 9.31
CA ALA A 203 -16.66 26.20 9.10
C ALA A 203 -16.61 26.57 7.60
N LEU A 204 -15.56 26.10 6.89
CA LEU A 204 -15.37 26.35 5.46
C LEU A 204 -16.39 25.58 4.62
N GLU A 205 -16.49 24.25 4.81
CA GLU A 205 -17.41 23.35 4.09
C GLU A 205 -18.86 23.85 4.11
N SER A 206 -19.26 24.45 5.25
CA SER A 206 -20.59 25.02 5.50
C SER A 206 -20.84 26.28 4.66
N ILE A 207 -19.89 27.23 4.64
CA ILE A 207 -19.96 28.47 3.86
C ILE A 207 -19.85 28.12 2.37
N TYR A 208 -18.92 27.20 2.01
CA TYR A 208 -18.72 26.69 0.65
C TYR A 208 -20.03 26.11 0.13
N PHE A 209 -20.72 25.27 0.94
CA PHE A 209 -22.01 24.68 0.57
C PHE A 209 -23.04 25.76 0.26
N VAL A 210 -23.26 26.70 1.19
CA VAL A 210 -24.22 27.80 1.07
C VAL A 210 -23.94 28.64 -0.19
N VAL A 211 -22.67 29.00 -0.45
CA VAL A 211 -22.26 29.77 -1.62
C VAL A 211 -22.57 28.96 -2.89
N VAL A 212 -22.07 27.71 -2.98
CA VAL A 212 -22.27 26.79 -4.10
C VAL A 212 -23.79 26.56 -4.37
N THR A 213 -24.62 26.57 -3.29
CA THR A 213 -26.07 26.41 -3.34
C THR A 213 -26.75 27.66 -3.92
N LEU A 214 -26.64 28.82 -3.21
CA LEU A 214 -27.29 30.09 -3.55
C LEU A 214 -26.81 30.73 -4.86
N THR A 215 -25.65 30.30 -5.41
CA THR A 215 -25.17 30.79 -6.71
C THR A 215 -25.77 29.96 -7.85
N THR A 216 -26.46 28.85 -7.50
CA THR A 216 -27.09 27.83 -8.35
C THR A 216 -26.02 27.04 -9.13
N VAL A 217 -24.78 27.00 -8.58
CA VAL A 217 -23.66 26.23 -9.14
C VAL A 217 -23.97 24.75 -8.88
N GLY A 218 -24.22 24.42 -7.61
CA GLY A 218 -24.60 23.08 -7.17
C GLY A 218 -23.72 21.94 -7.63
N PHE A 219 -22.58 21.76 -6.97
CA PHE A 219 -21.65 20.68 -7.29
C PHE A 219 -22.15 19.36 -6.79
N GLY A 220 -22.89 19.39 -5.67
CA GLY A 220 -23.42 18.18 -5.05
C GLY A 220 -22.37 17.36 -4.31
N ASP A 221 -21.20 17.99 -4.00
CA ASP A 221 -20.14 17.37 -3.21
C ASP A 221 -20.48 17.52 -1.72
N PHE A 222 -21.45 18.40 -1.44
CA PHE A 222 -22.05 18.70 -0.14
C PHE A 222 -23.52 18.99 -0.39
N VAL A 223 -24.41 18.18 0.21
CA VAL A 223 -25.86 18.32 0.07
C VAL A 223 -26.49 18.21 1.45
N ALA A 224 -27.45 19.10 1.77
CA ALA A 224 -28.15 19.08 3.04
C ALA A 224 -29.15 17.93 3.05
N GLY A 225 -29.16 17.16 4.13
CA GLY A 225 -30.03 16.00 4.29
C GLY A 225 -29.60 14.82 3.44
N GLY A 226 -28.29 14.72 3.17
CA GLY A 226 -27.73 13.67 2.34
C GLY A 226 -27.06 12.53 3.08
N ASN A 227 -26.68 12.76 4.36
CA ASN A 227 -26.00 11.77 5.20
C ASN A 227 -26.92 10.62 5.57
N ALA A 228 -26.46 9.38 5.33
CA ALA A 228 -27.19 8.15 5.65
C ALA A 228 -27.15 7.90 7.17
N GLY A 229 -26.08 8.35 7.82
CA GLY A 229 -25.85 8.21 9.25
C GLY A 229 -26.68 9.15 10.11
N ILE A 230 -26.80 10.42 9.70
CA ILE A 230 -27.57 11.42 10.44
C ILE A 230 -29.08 11.17 10.29
N ASN A 231 -29.78 11.07 11.43
CA ASN A 231 -31.23 10.85 11.50
C ASN A 231 -31.94 12.20 11.45
N TYR A 232 -32.15 12.73 10.23
CA TYR A 232 -32.77 14.02 9.98
C TYR A 232 -34.26 14.04 10.29
N ARG A 233 -34.76 15.20 10.74
CA ARG A 233 -36.18 15.42 11.02
C ARG A 233 -36.93 15.61 9.69
N GLU A 234 -38.25 15.38 9.69
CA GLU A 234 -39.12 15.47 8.50
C GLU A 234 -39.13 16.88 7.90
N TRP A 235 -39.08 17.93 8.74
CA TRP A 235 -39.11 19.33 8.34
C TRP A 235 -37.76 19.86 7.81
N TYR A 236 -36.66 19.11 8.02
CA TYR A 236 -35.31 19.52 7.61
C TYR A 236 -35.22 19.82 6.11
N LYS A 237 -35.36 18.79 5.23
CA LYS A 237 -35.29 18.95 3.76
C LYS A 237 -36.27 20.05 3.26
N PRO A 238 -37.57 20.11 3.67
CA PRO A 238 -38.44 21.23 3.21
C PRO A 238 -37.92 22.61 3.63
N LEU A 239 -37.36 22.74 4.86
CA LEU A 239 -36.81 24.01 5.37
C LEU A 239 -35.59 24.45 4.54
N VAL A 240 -34.74 23.49 4.11
CA VAL A 240 -33.57 23.75 3.28
C VAL A 240 -34.04 24.33 1.94
N TRP A 241 -35.01 23.68 1.24
CA TRP A 241 -35.52 24.20 -0.04
C TRP A 241 -36.22 25.54 0.15
N PHE A 242 -36.92 25.73 1.29
CA PHE A 242 -37.59 26.99 1.62
C PHE A 242 -36.56 28.11 1.75
N TRP A 243 -35.41 27.82 2.43
CA TRP A 243 -34.31 28.76 2.61
C TRP A 243 -33.72 29.11 1.24
N ILE A 244 -33.61 28.10 0.35
CA ILE A 244 -33.13 28.21 -1.02
C ILE A 244 -34.07 29.16 -1.78
N LEU A 245 -35.40 29.03 -1.57
CA LEU A 245 -36.43 29.86 -2.21
C LEU A 245 -36.34 31.33 -1.74
N VAL A 246 -36.31 31.58 -0.41
CA VAL A 246 -36.24 32.93 0.17
C VAL A 246 -34.88 33.57 -0.18
N GLY A 247 -33.81 32.80 -0.06
CA GLY A 247 -32.44 33.22 -0.36
C GLY A 247 -32.25 33.61 -1.81
N LEU A 248 -32.73 32.76 -2.74
CA LEU A 248 -32.61 33.00 -4.18
C LEU A 248 -33.44 34.19 -4.62
N ALA A 249 -34.66 34.35 -4.04
CA ALA A 249 -35.57 35.45 -4.35
C ALA A 249 -35.01 36.78 -3.87
N TYR A 250 -34.33 36.80 -2.70
CA TYR A 250 -33.73 37.99 -2.12
C TYR A 250 -32.60 38.52 -3.01
N PHE A 251 -31.67 37.64 -3.41
CA PHE A 251 -30.55 38.03 -4.27
C PHE A 251 -31.02 38.30 -5.72
N ALA A 252 -32.20 37.75 -6.13
CA ALA A 252 -32.79 38.01 -7.44
C ALA A 252 -33.41 39.40 -7.44
N ALA A 253 -34.07 39.80 -6.33
CA ALA A 253 -34.70 41.11 -6.12
C ALA A 253 -33.66 42.23 -6.11
N VAL A 254 -32.45 41.94 -5.57
CA VAL A 254 -31.33 42.90 -5.52
C VAL A 254 -30.77 43.04 -6.94
N LEU A 255 -30.62 41.92 -7.67
CA LEU A 255 -30.12 41.87 -9.04
C LEU A 255 -31.08 42.56 -10.02
N SER A 256 -32.41 42.43 -9.78
CA SER A 256 -33.46 43.06 -10.58
C SER A 256 -33.36 44.58 -10.44
N MET A 257 -33.17 45.06 -9.19
CA MET A 257 -33.03 46.45 -8.78
C MET A 257 -31.82 47.12 -9.48
N ILE A 258 -30.66 46.42 -9.55
CA ILE A 258 -29.43 46.90 -10.21
C ILE A 258 -29.65 46.94 -11.73
N GLY A 259 -30.30 45.90 -12.27
CA GLY A 259 -30.62 45.78 -13.69
C GLY A 259 -31.55 46.86 -14.19
N ASP A 260 -32.57 47.22 -13.36
CA ASP A 260 -33.55 48.27 -13.69
C ASP A 260 -32.88 49.64 -13.82
N TRP A 261 -31.88 49.92 -12.96
CA TRP A 261 -31.13 51.17 -12.95
C TRP A 261 -30.21 51.28 -14.16
N LEU A 262 -29.53 50.16 -14.53
CA LEU A 262 -28.59 50.10 -15.65
C LEU A 262 -29.30 50.24 -17.01
N ARG A 263 -30.60 49.86 -17.10
CA ARG A 263 -31.42 49.97 -18.30
C ARG A 263 -31.74 51.44 -18.59
N VAL A 264 -31.99 52.23 -17.53
CA VAL A 264 -32.27 53.68 -17.61
C VAL A 264 -30.95 54.42 -17.95
N LEU A 265 -29.80 53.86 -17.46
CA LEU A 265 -28.44 54.37 -17.70
C LEU A 265 -28.03 54.17 -19.18
N SER A 266 -28.45 53.05 -19.80
CA SER A 266 -28.19 52.73 -21.22
C SER A 266 -29.09 53.59 -22.14
N LYS A 267 -30.31 53.94 -21.67
CA LYS A 267 -31.27 54.79 -22.39
C LYS A 267 -30.79 56.24 -22.39
N LYS A 268 -30.00 56.63 -21.37
CA LYS A 268 -29.44 57.98 -21.20
C LYS A 268 -27.92 57.94 -21.38
N LYS B 8 -49.24 42.55 -7.38
CA LYS B 8 -50.04 42.22 -6.19
C LYS B 8 -49.49 40.97 -5.51
N TRP B 9 -49.60 40.92 -4.16
CA TRP B 9 -49.11 39.79 -3.36
C TRP B 9 -50.03 38.56 -3.50
N LYS B 10 -51.33 38.77 -3.76
CA LYS B 10 -52.32 37.71 -3.94
C LYS B 10 -51.98 36.83 -5.16
N THR B 11 -51.41 37.43 -6.22
CA THR B 11 -51.00 36.74 -7.45
C THR B 11 -49.65 36.03 -7.26
N VAL B 12 -48.82 36.48 -6.29
CA VAL B 12 -47.50 35.87 -5.96
C VAL B 12 -47.74 34.51 -5.26
N VAL B 13 -48.75 34.46 -4.35
CA VAL B 13 -49.14 33.25 -3.62
C VAL B 13 -49.75 32.23 -4.60
N ALA B 14 -50.45 32.72 -5.65
CA ALA B 14 -51.06 31.91 -6.70
C ALA B 14 -49.99 31.12 -7.47
N ILE B 15 -48.87 31.80 -7.85
CA ILE B 15 -47.73 31.19 -8.55
C ILE B 15 -47.07 30.14 -7.63
N PHE B 16 -46.92 30.48 -6.33
CA PHE B 16 -46.33 29.61 -5.30
C PHE B 16 -47.07 28.27 -5.20
N VAL B 17 -48.41 28.28 -5.25
CA VAL B 17 -49.23 27.05 -5.19
C VAL B 17 -48.96 26.21 -6.44
N VAL B 18 -48.92 26.85 -7.64
CA VAL B 18 -48.64 26.19 -8.93
C VAL B 18 -47.25 25.49 -8.85
N VAL B 19 -46.23 26.19 -8.31
CA VAL B 19 -44.86 25.68 -8.15
C VAL B 19 -44.84 24.48 -7.17
N VAL B 20 -45.49 24.59 -5.99
CA VAL B 20 -45.53 23.51 -4.99
C VAL B 20 -46.25 22.27 -5.59
N VAL B 21 -47.36 22.50 -6.34
CA VAL B 21 -48.10 21.43 -7.02
C VAL B 21 -47.19 20.77 -8.07
N TYR B 22 -46.46 21.58 -8.86
CA TYR B 22 -45.52 21.16 -9.90
C TYR B 22 -44.39 20.28 -9.34
N LEU B 23 -43.90 20.61 -8.13
CA LEU B 23 -42.84 19.86 -7.46
C LEU B 23 -43.36 18.52 -6.93
N VAL B 24 -44.57 18.50 -6.35
CA VAL B 24 -45.22 17.29 -5.85
C VAL B 24 -45.49 16.36 -7.05
N THR B 25 -45.99 16.93 -8.17
CA THR B 25 -46.25 16.25 -9.44
C THR B 25 -44.96 15.62 -9.97
N GLY B 26 -43.92 16.44 -10.14
CA GLY B 26 -42.61 16.04 -10.62
C GLY B 26 -41.97 14.96 -9.77
N GLY B 27 -42.10 15.11 -8.45
CA GLY B 27 -41.59 14.18 -7.46
C GLY B 27 -42.17 12.78 -7.59
N LEU B 28 -43.51 12.70 -7.75
CA LEU B 28 -44.22 11.43 -7.91
C LEU B 28 -43.85 10.73 -9.22
N VAL B 29 -43.64 11.50 -10.31
CA VAL B 29 -43.27 10.97 -11.63
C VAL B 29 -41.84 10.41 -11.58
N PHE B 30 -40.87 11.18 -11.01
CA PHE B 30 -39.47 10.78 -10.86
C PHE B 30 -39.36 9.51 -10.00
N ARG B 31 -40.17 9.42 -8.92
CA ARG B 31 -40.25 8.25 -8.04
C ARG B 31 -40.61 7.02 -8.87
N ALA B 32 -41.77 7.07 -9.54
CA ALA B 32 -42.33 6.03 -10.39
C ALA B 32 -41.37 5.56 -11.49
N LEU B 33 -40.49 6.47 -11.98
CA LEU B 33 -39.53 6.18 -13.03
C LEU B 33 -38.19 5.65 -12.53
N GLU B 34 -37.68 6.20 -11.40
CA GLU B 34 -36.35 5.87 -10.88
C GLU B 34 -36.27 4.92 -9.68
N GLN B 35 -37.22 4.98 -8.73
CA GLN B 35 -37.20 4.12 -7.53
C GLN B 35 -37.14 2.61 -7.89
N PRO B 36 -37.84 2.07 -8.94
CA PRO B 36 -37.71 0.63 -9.24
C PRO B 36 -36.28 0.22 -9.60
N PHE B 37 -35.55 1.08 -10.35
CA PHE B 37 -34.17 0.84 -10.74
C PHE B 37 -33.23 1.00 -9.54
N GLU B 38 -33.50 2.00 -8.66
CA GLU B 38 -32.74 2.30 -7.45
C GLU B 38 -32.81 1.12 -6.50
N SER B 39 -34.00 0.50 -6.38
CA SER B 39 -34.23 -0.67 -5.55
C SER B 39 -33.59 -1.92 -6.17
N SER B 40 -33.48 -1.94 -7.51
CA SER B 40 -32.85 -3.02 -8.28
C SER B 40 -31.33 -3.03 -8.03
N GLN B 41 -30.67 -1.86 -8.15
CA GLN B 41 -29.24 -1.70 -7.94
C GLN B 41 -28.86 -1.90 -6.47
N LYS B 42 -29.81 -1.64 -5.55
CA LYS B 42 -29.66 -1.83 -4.10
C LYS B 42 -29.39 -3.30 -3.78
N ASN B 43 -30.14 -4.17 -4.46
CA ASN B 43 -30.09 -5.62 -4.34
C ASN B 43 -28.85 -6.18 -5.03
N THR B 44 -28.56 -5.72 -6.26
CA THR B 44 -27.42 -6.18 -7.09
C THR B 44 -26.07 -6.01 -6.37
N ILE B 45 -25.80 -4.82 -5.79
CA ILE B 45 -24.53 -4.57 -5.10
C ILE B 45 -24.42 -5.44 -3.84
N ALA B 46 -25.54 -5.60 -3.09
CA ALA B 46 -25.61 -6.42 -1.89
C ALA B 46 -25.31 -7.89 -2.21
N LEU B 47 -25.75 -8.36 -3.40
CA LEU B 47 -25.51 -9.72 -3.87
C LEU B 47 -24.05 -9.88 -4.29
N GLU B 48 -23.55 -8.99 -5.18
CA GLU B 48 -22.19 -9.02 -5.74
C GLU B 48 -21.10 -8.95 -4.66
N LYS B 49 -21.32 -8.13 -3.61
CA LYS B 49 -20.39 -7.98 -2.49
C LYS B 49 -20.34 -9.25 -1.66
N ALA B 50 -21.51 -9.80 -1.31
CA ALA B 50 -21.64 -11.05 -0.55
C ALA B 50 -21.11 -12.24 -1.35
N GLU B 51 -21.19 -12.14 -2.69
CA GLU B 51 -20.70 -13.12 -3.66
C GLU B 51 -19.16 -13.09 -3.68
N PHE B 52 -18.57 -11.88 -3.71
CA PHE B 52 -17.12 -11.68 -3.71
C PHE B 52 -16.49 -12.28 -2.45
N LEU B 53 -17.14 -12.11 -1.29
CA LEU B 53 -16.66 -12.60 0.01
C LEU B 53 -16.76 -14.12 0.14
N ARG B 54 -17.78 -14.73 -0.50
CA ARG B 54 -17.96 -16.19 -0.47
C ARG B 54 -17.05 -16.87 -1.51
N ASP B 55 -16.70 -16.15 -2.59
CA ASP B 55 -15.82 -16.65 -3.65
C ASP B 55 -14.35 -16.44 -3.27
N HIS B 56 -14.08 -15.40 -2.45
CA HIS B 56 -12.74 -15.07 -1.97
C HIS B 56 -12.76 -15.07 -0.45
N VAL B 57 -12.49 -16.25 0.13
CA VAL B 57 -12.50 -16.53 1.57
C VAL B 57 -11.38 -15.75 2.30
N CYS B 58 -10.23 -15.53 1.62
CA CYS B 58 -9.05 -14.82 2.16
C CYS B 58 -9.35 -13.33 2.47
N VAL B 59 -10.44 -12.78 1.90
CA VAL B 59 -10.88 -11.39 2.09
C VAL B 59 -11.95 -11.34 3.19
N SER B 60 -11.73 -10.47 4.21
CA SER B 60 -12.64 -10.26 5.33
C SER B 60 -13.73 -9.24 4.92
N PRO B 61 -14.90 -9.17 5.60
CA PRO B 61 -15.93 -8.19 5.19
C PRO B 61 -15.47 -6.74 5.33
N GLN B 62 -14.62 -6.46 6.35
CA GLN B 62 -14.07 -5.13 6.62
C GLN B 62 -12.97 -4.79 5.61
N GLU B 63 -12.12 -5.78 5.25
CA GLU B 63 -11.04 -5.63 4.24
C GLU B 63 -11.63 -5.21 2.89
N LEU B 64 -12.83 -5.72 2.57
CA LEU B 64 -13.59 -5.41 1.37
C LEU B 64 -14.08 -3.96 1.45
N GLU B 65 -14.71 -3.58 2.59
CA GLU B 65 -15.25 -2.24 2.85
C GLU B 65 -14.18 -1.18 2.71
N THR B 66 -12.97 -1.47 3.24
CA THR B 66 -11.80 -0.60 3.21
C THR B 66 -11.41 -0.31 1.76
N LEU B 67 -11.34 -1.37 0.90
CA LEU B 67 -11.01 -1.26 -0.52
C LEU B 67 -12.08 -0.46 -1.28
N ILE B 68 -13.38 -0.80 -1.08
CA ILE B 68 -14.50 -0.10 -1.75
C ILE B 68 -14.42 1.37 -1.37
N GLN B 69 -14.10 1.69 -0.09
CA GLN B 69 -13.94 3.06 0.38
C GLN B 69 -12.83 3.75 -0.38
N HIS B 70 -11.65 3.09 -0.53
CA HIS B 70 -10.49 3.60 -1.27
C HIS B 70 -10.85 3.88 -2.73
N ALA B 71 -11.68 3.00 -3.34
CA ALA B 71 -12.13 3.14 -4.72
C ALA B 71 -13.01 4.37 -4.86
N LEU B 72 -13.96 4.57 -3.92
CA LEU B 72 -14.87 5.72 -3.91
C LEU B 72 -14.11 7.01 -3.65
N ASP B 73 -13.21 7.03 -2.63
CA ASP B 73 -12.37 8.18 -2.28
C ASP B 73 -11.63 8.74 -3.50
N ALA B 74 -11.11 7.83 -4.34
CA ALA B 74 -10.41 8.17 -5.58
C ALA B 74 -11.37 8.76 -6.59
N ASP B 75 -12.53 8.11 -6.77
CA ASP B 75 -13.57 8.55 -7.70
C ASP B 75 -14.12 9.95 -7.35
N ASN B 76 -14.23 10.25 -6.03
CA ASN B 76 -14.71 11.54 -5.52
C ASN B 76 -13.69 12.65 -5.85
N ALA B 77 -12.39 12.30 -5.85
CA ALA B 77 -11.28 13.21 -6.18
C ALA B 77 -11.12 13.37 -7.70
N GLY B 78 -11.87 12.57 -8.47
CA GLY B 78 -11.87 12.60 -9.93
C GLY B 78 -10.91 11.65 -10.60
N VAL B 79 -10.42 10.64 -9.84
CA VAL B 79 -9.49 9.61 -10.32
C VAL B 79 -10.25 8.28 -10.39
N SER B 80 -10.41 7.72 -11.61
CA SER B 80 -11.12 6.44 -11.80
C SER B 80 -10.35 5.30 -11.13
N PRO B 81 -10.98 4.51 -10.24
CA PRO B 81 -10.26 3.42 -9.60
C PRO B 81 -10.18 2.17 -10.48
N ILE B 82 -10.20 2.37 -11.81
CA ILE B 82 -10.09 1.31 -12.84
C ILE B 82 -8.83 1.57 -13.69
N GLY B 83 -7.88 0.64 -13.65
CA GLY B 83 -6.62 0.71 -14.40
C GLY B 83 -5.58 1.71 -13.89
N ASN B 84 -4.28 1.40 -14.10
CA ASN B 84 -3.20 2.30 -13.68
C ASN B 84 -2.74 3.20 -14.83
N SER B 85 -2.94 2.77 -16.11
CA SER B 85 -2.58 3.53 -17.32
C SER B 85 -3.40 4.83 -17.42
N SER B 86 -4.59 4.87 -16.78
CA SER B 86 -5.50 6.04 -16.70
C SER B 86 -4.83 7.20 -15.94
N ASN B 87 -3.79 6.86 -15.14
CA ASN B 87 -2.98 7.79 -14.35
C ASN B 87 -1.91 8.42 -15.28
N ASN B 88 -2.39 9.27 -16.20
CA ASN B 88 -1.65 10.05 -17.20
C ASN B 88 -2.49 11.25 -17.66
N SER B 89 -3.84 11.10 -17.60
CA SER B 89 -4.83 12.12 -17.98
C SER B 89 -5.27 12.92 -16.76
N SER B 90 -5.07 14.25 -16.79
CA SER B 90 -5.39 15.14 -15.67
C SER B 90 -6.73 15.86 -15.85
N HIS B 91 -7.33 16.26 -14.72
CA HIS B 91 -8.59 16.99 -14.64
C HIS B 91 -8.35 18.45 -14.28
N TRP B 92 -7.12 18.79 -13.86
CA TRP B 92 -6.74 20.13 -13.44
C TRP B 92 -5.63 20.75 -14.33
N ASP B 93 -5.39 20.18 -15.52
CA ASP B 93 -4.43 20.73 -16.50
C ASP B 93 -5.04 22.02 -17.07
N LEU B 94 -4.23 23.05 -17.39
CA LEU B 94 -4.66 24.37 -17.87
C LEU B 94 -6.00 24.36 -18.66
N GLY B 95 -6.11 23.50 -19.67
CA GLY B 95 -7.31 23.37 -20.50
C GLY B 95 -8.56 22.94 -19.76
N SER B 96 -8.44 21.86 -18.97
CA SER B 96 -9.52 21.30 -18.14
C SER B 96 -9.82 22.20 -16.94
N ALA B 97 -8.81 22.93 -16.46
CA ALA B 97 -8.91 23.87 -15.34
C ALA B 97 -9.58 25.16 -15.80
N PHE B 98 -9.41 25.52 -17.09
CA PHE B 98 -10.06 26.68 -17.73
C PHE B 98 -11.54 26.36 -17.88
N PHE B 99 -11.85 25.10 -18.28
CA PHE B 99 -13.22 24.62 -18.44
C PHE B 99 -13.89 24.57 -17.07
N PHE B 100 -13.19 24.09 -16.02
CA PHE B 100 -13.76 24.09 -14.67
C PHE B 100 -14.12 25.50 -14.29
N ALA B 101 -13.17 26.44 -14.50
CA ALA B 101 -13.34 27.86 -14.21
C ALA B 101 -14.58 28.38 -14.93
N GLY B 102 -14.72 28.02 -16.20
CA GLY B 102 -15.86 28.38 -17.03
C GLY B 102 -17.19 27.79 -16.60
N THR B 103 -17.15 26.59 -15.95
CA THR B 103 -18.33 25.86 -15.44
C THR B 103 -18.90 26.59 -14.20
N VAL B 104 -18.00 27.14 -13.36
CA VAL B 104 -18.34 27.89 -12.15
C VAL B 104 -19.04 29.23 -12.54
N ILE B 105 -18.42 30.00 -13.44
CA ILE B 105 -18.84 31.32 -13.96
C ILE B 105 -20.25 31.24 -14.58
N THR B 106 -20.52 30.16 -15.35
CA THR B 106 -21.80 29.93 -16.03
C THR B 106 -22.89 29.37 -15.10
N THR B 107 -22.51 29.05 -13.84
CA THR B 107 -23.35 28.47 -12.77
C THR B 107 -23.88 27.07 -13.16
N ILE B 108 -23.15 26.37 -14.05
CA ILE B 108 -23.50 25.02 -14.49
C ILE B 108 -23.07 24.04 -13.38
N GLY B 109 -21.84 24.25 -12.87
CA GLY B 109 -21.20 23.47 -11.79
C GLY B 109 -21.45 21.99 -11.87
N TYR B 110 -21.01 21.36 -12.98
CA TYR B 110 -21.22 19.97 -13.32
C TYR B 110 -21.26 19.03 -12.11
N GLY B 111 -20.19 18.96 -11.36
CA GLY B 111 -20.20 18.09 -10.18
C GLY B 111 -19.55 16.75 -10.39
N ASN B 112 -19.03 16.52 -11.62
CA ASN B 112 -18.25 15.33 -11.93
C ASN B 112 -16.93 15.48 -11.17
N ILE B 113 -16.42 16.73 -11.13
CA ILE B 113 -15.23 17.17 -10.44
C ILE B 113 -15.56 18.50 -9.72
N ALA B 114 -15.05 18.66 -8.49
CA ALA B 114 -15.23 19.82 -7.61
C ALA B 114 -13.94 20.04 -6.80
N PRO B 115 -13.65 21.25 -6.24
CA PRO B 115 -12.40 21.43 -5.49
C PRO B 115 -12.35 20.55 -4.22
N SER B 116 -11.26 19.76 -4.08
CA SER B 116 -11.05 18.86 -2.95
C SER B 116 -10.26 19.57 -1.84
N THR B 117 -9.22 20.35 -2.21
CA THR B 117 -8.35 21.14 -1.32
C THR B 117 -9.17 22.20 -0.56
N GLU B 118 -8.79 22.49 0.69
CA GLU B 118 -9.40 23.53 1.52
C GLU B 118 -9.26 24.89 0.82
N GLY B 119 -8.05 25.16 0.30
CA GLY B 119 -7.74 26.37 -0.43
C GLY B 119 -8.47 26.46 -1.75
N GLY B 120 -8.62 25.31 -2.40
CA GLY B 120 -9.35 25.18 -3.66
C GLY B 120 -10.80 25.57 -3.50
N LYS B 121 -11.40 25.22 -2.34
CA LYS B 121 -12.78 25.57 -1.97
C LYS B 121 -12.87 27.06 -1.63
N ILE B 122 -11.86 27.61 -0.90
CA ILE B 122 -11.75 29.04 -0.52
C ILE B 122 -11.72 29.89 -1.78
N PHE B 123 -10.85 29.54 -2.74
CA PHE B 123 -10.69 30.26 -4.00
C PHE B 123 -11.98 30.15 -4.84
N CYS B 124 -12.62 28.97 -4.85
CA CYS B 124 -13.85 28.71 -5.59
C CYS B 124 -15.00 29.62 -5.12
N ILE B 125 -15.11 29.88 -3.79
CA ILE B 125 -16.14 30.76 -3.19
C ILE B 125 -15.94 32.17 -3.75
N LEU B 126 -14.70 32.70 -3.67
CA LEU B 126 -14.33 34.04 -4.16
C LEU B 126 -14.42 34.13 -5.69
N TYR B 127 -14.07 33.05 -6.40
CA TYR B 127 -14.08 32.97 -7.85
C TYR B 127 -15.52 33.03 -8.38
N ALA B 128 -16.48 32.44 -7.64
CA ALA B 128 -17.90 32.46 -8.01
C ALA B 128 -18.53 33.82 -7.67
N ILE B 129 -18.20 34.39 -6.50
CA ILE B 129 -18.71 35.68 -5.98
C ILE B 129 -18.45 36.83 -6.99
N PHE B 130 -17.26 36.90 -7.60
CA PHE B 130 -16.92 37.95 -8.56
C PHE B 130 -17.10 37.51 -10.01
N GLY B 131 -16.93 36.22 -10.28
CA GLY B 131 -17.04 35.68 -11.62
C GLY B 131 -18.42 35.54 -12.21
N ILE B 132 -19.42 35.12 -11.40
CA ILE B 132 -20.81 34.95 -11.84
C ILE B 132 -21.39 36.33 -12.30
N PRO B 133 -21.22 37.47 -11.56
CA PRO B 133 -21.73 38.75 -12.08
C PRO B 133 -20.98 39.21 -13.33
N LEU B 134 -19.66 38.88 -13.44
CA LEU B 134 -18.81 39.20 -14.59
C LEU B 134 -19.35 38.54 -15.86
N PHE B 135 -19.88 37.31 -15.75
CA PHE B 135 -20.50 36.58 -16.85
C PHE B 135 -21.86 37.15 -17.18
N GLY B 136 -22.56 37.63 -16.15
CA GLY B 136 -23.87 38.25 -16.29
C GLY B 136 -23.81 39.43 -17.24
N PHE B 137 -22.75 40.24 -17.09
CA PHE B 137 -22.47 41.41 -17.92
C PHE B 137 -22.18 41.00 -19.36
N LEU B 138 -21.35 39.95 -19.57
CA LEU B 138 -20.99 39.45 -20.89
C LEU B 138 -22.21 38.85 -21.59
N LEU B 139 -23.05 38.10 -20.85
CA LEU B 139 -24.27 37.48 -21.38
C LEU B 139 -25.32 38.54 -21.76
N ALA B 140 -25.40 39.62 -20.95
CA ALA B 140 -26.32 40.74 -21.20
C ALA B 140 -25.78 41.61 -22.35
N GLY B 141 -24.45 41.63 -22.46
CA GLY B 141 -23.72 42.37 -23.49
C GLY B 141 -23.97 41.79 -24.86
N ILE B 142 -23.79 40.46 -25.03
CA ILE B 142 -24.05 39.75 -26.30
C ILE B 142 -25.57 39.69 -26.51
N GLY B 143 -26.34 39.61 -25.42
CA GLY B 143 -27.79 39.59 -25.43
C GLY B 143 -28.42 40.86 -25.99
N ASP B 144 -27.82 42.02 -25.69
CA ASP B 144 -28.28 43.32 -26.17
C ASP B 144 -27.91 43.53 -27.64
N GLN B 145 -26.68 43.12 -28.03
CA GLN B 145 -26.15 43.23 -29.39
C GLN B 145 -26.94 42.35 -30.34
N LEU B 146 -27.20 41.07 -29.96
CA LEU B 146 -27.99 40.13 -30.77
C LEU B 146 -29.46 40.52 -30.81
N GLY B 147 -29.96 41.12 -29.72
CA GLY B 147 -31.34 41.60 -29.60
C GLY B 147 -31.69 42.71 -30.57
N THR B 148 -30.70 43.58 -30.84
CA THR B 148 -30.80 44.70 -31.77
C THR B 148 -30.83 44.13 -33.20
N ILE B 149 -30.02 43.07 -33.46
CA ILE B 149 -29.95 42.36 -34.74
C ILE B 149 -31.28 41.63 -34.99
N PHE B 150 -31.88 41.05 -33.94
CA PHE B 150 -33.15 40.34 -34.04
C PHE B 150 -34.34 41.31 -34.17
N GLY B 151 -34.19 42.52 -33.63
CA GLY B 151 -35.16 43.59 -33.72
C GLY B 151 -35.19 44.22 -35.10
N LYS B 152 -33.99 44.36 -35.72
CA LYS B 152 -33.80 44.91 -37.06
C LYS B 152 -34.29 43.93 -38.11
N SER B 153 -34.09 42.61 -37.86
CA SER B 153 -34.52 41.51 -38.75
C SER B 153 -36.04 41.42 -38.81
N ILE B 154 -36.71 41.46 -37.64
CA ILE B 154 -38.17 41.38 -37.50
C ILE B 154 -38.82 42.65 -38.07
N ALA B 155 -38.20 43.84 -37.88
CA ALA B 155 -38.68 45.13 -38.40
C ALA B 155 -38.69 45.14 -39.92
N ARG B 156 -37.69 44.48 -40.55
CA ARG B 156 -37.57 44.34 -42.01
C ARG B 156 -38.70 43.47 -42.55
N VAL B 157 -39.03 42.37 -41.86
CA VAL B 157 -40.09 41.42 -42.20
C VAL B 157 -41.47 42.08 -41.95
N GLU B 158 -41.57 42.89 -40.87
CA GLU B 158 -42.80 43.61 -40.46
C GLU B 158 -43.25 44.61 -41.52
N LYS B 159 -42.30 45.33 -42.16
CA LYS B 159 -42.58 46.32 -43.20
C LYS B 159 -43.08 45.64 -44.48
N VAL B 160 -42.56 44.43 -44.76
CA VAL B 160 -42.90 43.62 -45.95
C VAL B 160 -44.32 43.04 -45.79
N PHE B 161 -44.61 42.39 -44.64
CA PHE B 161 -45.91 41.76 -44.39
C PHE B 161 -47.01 42.75 -43.95
N ARG B 162 -46.66 44.02 -43.64
CA ARG B 162 -47.65 45.05 -43.27
C ARG B 162 -48.51 45.39 -44.49
N LYS B 163 -47.89 45.43 -45.68
CA LYS B 163 -48.53 45.67 -46.97
C LYS B 163 -49.38 44.47 -47.37
N LYS B 164 -49.01 43.26 -46.87
CA LYS B 164 -49.68 41.98 -47.11
C LYS B 164 -50.89 41.79 -46.17
N GLN B 165 -51.15 42.79 -45.29
CA GLN B 165 -52.25 42.85 -44.31
C GLN B 165 -52.13 41.70 -43.28
N VAL B 166 -51.01 41.68 -42.54
CA VAL B 166 -50.69 40.70 -41.49
C VAL B 166 -50.47 41.48 -40.18
N SER B 167 -51.09 41.05 -39.07
CA SER B 167 -50.97 41.72 -37.77
C SER B 167 -49.54 41.63 -37.23
N GLN B 168 -49.09 42.69 -36.53
CA GLN B 168 -47.75 42.81 -35.93
C GLN B 168 -47.46 41.66 -34.98
N THR B 169 -48.47 41.22 -34.20
CA THR B 169 -48.37 40.12 -33.24
C THR B 169 -48.11 38.80 -33.98
N LYS B 170 -48.86 38.54 -35.09
CA LYS B 170 -48.73 37.34 -35.93
C LYS B 170 -47.34 37.23 -36.55
N ILE B 171 -46.78 38.37 -37.01
CA ILE B 171 -45.44 38.45 -37.61
C ILE B 171 -44.39 38.16 -36.52
N ARG B 172 -44.52 38.85 -35.36
CA ARG B 172 -43.63 38.71 -34.20
C ARG B 172 -43.60 37.30 -33.64
N VAL B 173 -44.78 36.62 -33.58
CA VAL B 173 -44.93 35.26 -33.05
C VAL B 173 -44.20 34.27 -33.98
N ILE B 174 -44.50 34.30 -35.30
CA ILE B 174 -43.90 33.40 -36.31
C ILE B 174 -42.37 33.59 -36.36
N SER B 175 -41.88 34.86 -36.30
CA SER B 175 -40.45 35.19 -36.31
C SER B 175 -39.72 34.59 -35.11
N THR B 176 -40.32 34.69 -33.89
CA THR B 176 -39.76 34.19 -32.63
C THR B 176 -39.66 32.66 -32.68
N ILE B 177 -40.69 31.96 -33.20
CA ILE B 177 -40.72 30.50 -33.36
C ILE B 177 -39.54 30.09 -34.25
N LEU B 178 -39.30 30.86 -35.34
CA LEU B 178 -38.20 30.63 -36.29
C LEU B 178 -36.84 30.82 -35.62
N PHE B 179 -36.68 31.87 -34.78
CA PHE B 179 -35.44 32.12 -34.05
C PHE B 179 -35.18 31.01 -33.01
N ILE B 180 -36.25 30.52 -32.36
CA ILE B 180 -36.19 29.44 -31.37
C ILE B 180 -35.75 28.15 -32.08
N LEU B 181 -36.39 27.83 -33.24
CA LEU B 181 -36.08 26.66 -34.06
C LEU B 181 -34.65 26.71 -34.61
N ALA B 182 -34.18 27.91 -35.01
CA ALA B 182 -32.83 28.14 -35.53
C ALA B 182 -31.78 27.72 -34.51
N GLY B 183 -31.97 28.15 -33.26
CA GLY B 183 -31.11 27.81 -32.13
C GLY B 183 -31.19 26.36 -31.73
N CYS B 184 -32.35 25.73 -31.94
CA CYS B 184 -32.60 24.33 -31.63
C CYS B 184 -31.81 23.41 -32.57
N ILE B 185 -31.45 23.90 -33.77
CA ILE B 185 -30.68 23.11 -34.73
C ILE B 185 -29.19 23.40 -34.49
N VAL B 186 -28.79 24.69 -34.63
CA VAL B 186 -27.43 25.21 -34.51
C VAL B 186 -26.79 24.91 -33.13
N PHE B 187 -27.50 25.20 -32.02
CA PHE B 187 -26.95 25.04 -30.66
C PHE B 187 -27.48 23.83 -29.86
N VAL B 188 -28.53 23.13 -30.36
CA VAL B 188 -29.04 21.99 -29.61
C VAL B 188 -28.83 20.67 -30.40
N THR B 189 -29.39 20.55 -31.62
CA THR B 189 -29.31 19.35 -32.46
C THR B 189 -27.88 19.03 -32.92
N ILE B 190 -27.26 19.93 -33.71
CA ILE B 190 -25.91 19.80 -34.27
C ILE B 190 -24.87 19.47 -33.15
N PRO B 191 -24.77 20.21 -32.00
CA PRO B 191 -23.75 19.84 -30.99
C PRO B 191 -24.01 18.47 -30.35
N ALA B 192 -25.30 18.08 -30.15
CA ALA B 192 -25.66 16.77 -29.59
C ALA B 192 -25.16 15.63 -30.48
N VAL B 193 -25.26 15.82 -31.82
CA VAL B 193 -24.79 14.88 -32.85
C VAL B 193 -23.26 14.76 -32.74
N ILE B 194 -22.55 15.90 -32.52
CA ILE B 194 -21.09 15.96 -32.35
C ILE B 194 -20.70 15.21 -31.08
N PHE B 195 -21.39 15.47 -29.94
CA PHE B 195 -21.09 14.79 -28.67
C PHE B 195 -21.38 13.28 -28.76
N LYS B 196 -22.39 12.88 -29.58
CA LYS B 196 -22.76 11.47 -29.79
C LYS B 196 -21.58 10.68 -30.38
N TYR B 197 -20.89 11.26 -31.36
CA TYR B 197 -19.75 10.65 -32.04
C TYR B 197 -18.45 10.80 -31.24
N ILE B 198 -18.19 11.99 -30.65
CA ILE B 198 -16.96 12.26 -29.91
C ILE B 198 -16.96 11.52 -28.56
N GLU B 199 -17.93 11.81 -27.68
CA GLU B 199 -18.02 11.23 -26.33
C GLU B 199 -18.45 9.76 -26.33
N GLY B 200 -19.11 9.34 -27.40
CA GLY B 200 -19.59 7.97 -27.57
C GLY B 200 -20.84 7.67 -26.75
N TRP B 201 -21.76 8.64 -26.69
CA TRP B 201 -23.02 8.49 -25.95
C TRP B 201 -24.12 8.02 -26.89
N THR B 202 -25.32 7.72 -26.33
CA THR B 202 -26.48 7.35 -27.13
C THR B 202 -27.14 8.65 -27.63
N ALA B 203 -28.11 8.54 -28.54
CA ALA B 203 -28.82 9.70 -29.09
C ALA B 203 -29.50 10.53 -27.98
N LEU B 204 -30.11 9.85 -26.99
CA LEU B 204 -30.80 10.46 -25.85
C LEU B 204 -29.81 11.14 -24.91
N GLU B 205 -28.77 10.41 -24.43
CA GLU B 205 -27.73 10.88 -23.51
C GLU B 205 -27.09 12.20 -23.98
N SER B 206 -26.86 12.35 -25.29
CA SER B 206 -26.25 13.56 -25.86
C SER B 206 -27.22 14.74 -25.84
N ILE B 207 -28.51 14.54 -26.23
CA ILE B 207 -29.54 15.59 -26.21
C ILE B 207 -29.81 15.99 -24.74
N TYR B 208 -29.91 14.98 -23.83
CA TYR B 208 -30.07 15.15 -22.38
C TYR B 208 -28.95 16.04 -21.86
N PHE B 209 -27.69 15.75 -22.26
CA PHE B 209 -26.52 16.54 -21.87
C PHE B 209 -26.65 17.99 -22.32
N VAL B 210 -26.87 18.23 -23.63
CA VAL B 210 -27.01 19.57 -24.23
C VAL B 210 -28.12 20.36 -23.52
N VAL B 211 -29.29 19.73 -23.26
CA VAL B 211 -30.41 20.38 -22.57
C VAL B 211 -30.01 20.74 -21.13
N VAL B 212 -29.49 19.77 -20.33
CA VAL B 212 -29.06 19.96 -18.93
C VAL B 212 -27.91 21.01 -18.84
N THR B 213 -27.03 21.05 -19.86
CA THR B 213 -25.92 22.00 -19.93
C THR B 213 -26.43 23.42 -20.13
N LEU B 214 -27.27 23.64 -21.18
CA LEU B 214 -27.82 24.93 -21.57
C LEU B 214 -28.83 25.45 -20.56
N THR B 215 -29.56 24.57 -19.85
CA THR B 215 -30.48 25.00 -18.81
C THR B 215 -29.71 25.35 -17.52
N THR B 216 -28.35 25.24 -17.56
CA THR B 216 -27.36 25.49 -16.49
C THR B 216 -27.68 24.67 -15.23
N VAL B 217 -28.33 23.52 -15.41
CA VAL B 217 -28.69 22.58 -14.34
C VAL B 217 -27.38 21.88 -13.93
N GLY B 218 -26.66 21.33 -14.92
CA GLY B 218 -25.37 20.67 -14.77
C GLY B 218 -25.30 19.60 -13.70
N PHE B 219 -25.84 18.40 -13.99
CA PHE B 219 -25.84 17.28 -13.05
C PHE B 219 -24.46 16.67 -12.94
N GLY B 220 -23.70 16.70 -14.03
CA GLY B 220 -22.35 16.13 -14.05
C GLY B 220 -22.31 14.63 -14.24
N ASP B 221 -23.50 14.02 -14.50
CA ASP B 221 -23.63 12.59 -14.76
C ASP B 221 -23.12 12.32 -16.20
N PHE B 222 -23.00 13.39 -16.99
CA PHE B 222 -22.48 13.46 -18.35
C PHE B 222 -21.78 14.80 -18.52
N VAL B 223 -20.50 14.79 -18.91
CA VAL B 223 -19.70 16.00 -19.10
C VAL B 223 -18.82 15.83 -20.34
N ALA B 224 -18.82 16.84 -21.23
CA ALA B 224 -17.95 16.83 -22.40
C ALA B 224 -16.51 17.10 -21.97
N GLY B 225 -15.61 16.21 -22.38
CA GLY B 225 -14.20 16.25 -22.05
C GLY B 225 -13.90 15.75 -20.65
N GLY B 226 -14.74 14.84 -20.14
CA GLY B 226 -14.64 14.27 -18.81
C GLY B 226 -14.06 12.89 -18.72
N ASN B 227 -14.06 12.14 -19.84
CA ASN B 227 -13.56 10.76 -19.92
C ASN B 227 -12.03 10.72 -19.81
N ALA B 228 -11.51 9.91 -18.88
CA ALA B 228 -10.07 9.74 -18.69
C ALA B 228 -9.47 8.88 -19.81
N GLY B 229 -10.28 7.99 -20.36
CA GLY B 229 -9.91 7.08 -21.44
C GLY B 229 -9.81 7.73 -22.80
N ILE B 230 -10.75 8.63 -23.13
CA ILE B 230 -10.78 9.34 -24.42
C ILE B 230 -9.67 10.38 -24.45
N ASN B 231 -8.81 10.31 -25.49
CA ASN B 231 -7.71 11.24 -25.71
C ASN B 231 -8.24 12.44 -26.51
N TYR B 232 -8.82 13.42 -25.79
CA TYR B 232 -9.40 14.63 -26.36
C TYR B 232 -8.35 15.56 -26.92
N ARG B 233 -8.71 16.32 -27.97
CA ARG B 233 -7.86 17.31 -28.60
C ARG B 233 -7.75 18.55 -27.68
N GLU B 234 -6.67 19.35 -27.84
CA GLU B 234 -6.40 20.55 -27.01
C GLU B 234 -7.51 21.60 -27.12
N TRP B 235 -8.09 21.76 -28.33
CA TRP B 235 -9.15 22.73 -28.62
C TRP B 235 -10.56 22.30 -28.17
N TYR B 236 -10.77 21.00 -27.86
CA TYR B 236 -12.08 20.44 -27.50
C TYR B 236 -12.67 21.05 -26.24
N LYS B 237 -12.00 20.90 -25.08
CA LYS B 237 -12.45 21.41 -23.77
C LYS B 237 -12.82 22.93 -23.83
N PRO B 238 -11.98 23.86 -24.38
CA PRO B 238 -12.41 25.27 -24.43
C PRO B 238 -13.55 25.53 -25.42
N LEU B 239 -13.54 24.91 -26.63
CA LEU B 239 -14.60 25.08 -27.64
C LEU B 239 -15.97 24.70 -27.07
N VAL B 240 -16.03 23.62 -26.24
CA VAL B 240 -17.25 23.16 -25.57
C VAL B 240 -17.80 24.34 -24.75
N TRP B 241 -16.93 25.03 -23.96
CA TRP B 241 -17.32 26.21 -23.19
C TRP B 241 -17.72 27.37 -24.11
N PHE B 242 -17.05 27.51 -25.28
CA PHE B 242 -17.40 28.59 -26.20
C PHE B 242 -18.77 28.33 -26.83
N TRP B 243 -19.15 27.04 -27.03
CA TRP B 243 -20.50 26.67 -27.51
C TRP B 243 -21.52 27.04 -26.43
N ILE B 244 -21.16 26.82 -25.14
CA ILE B 244 -21.95 27.13 -23.96
C ILE B 244 -22.18 28.65 -23.93
N LEU B 245 -21.13 29.44 -24.25
CA LEU B 245 -21.18 30.90 -24.27
C LEU B 245 -22.10 31.42 -25.39
N VAL B 246 -21.90 30.95 -26.63
CA VAL B 246 -22.68 31.38 -27.81
C VAL B 246 -24.13 30.91 -27.66
N GLY B 247 -24.30 29.66 -27.21
CA GLY B 247 -25.60 29.03 -26.99
C GLY B 247 -26.43 29.72 -25.93
N LEU B 248 -25.82 30.03 -24.78
CA LEU B 248 -26.50 30.70 -23.67
C LEU B 248 -26.88 32.12 -24.02
N ALA B 249 -25.98 32.84 -24.72
CA ALA B 249 -26.19 34.22 -25.14
C ALA B 249 -27.30 34.33 -26.18
N TYR B 250 -27.39 33.35 -27.12
CA TYR B 250 -28.40 33.30 -28.18
C TYR B 250 -29.80 33.15 -27.58
N PHE B 251 -30.00 32.19 -26.67
CA PHE B 251 -31.31 31.98 -26.05
C PHE B 251 -31.65 33.08 -25.04
N ALA B 252 -30.62 33.78 -24.51
CA ALA B 252 -30.81 34.91 -23.60
C ALA B 252 -31.31 36.12 -24.39
N ALA B 253 -30.72 36.33 -25.59
CA ALA B 253 -31.05 37.41 -26.51
C ALA B 253 -32.48 37.27 -27.06
N VAL B 254 -32.95 36.02 -27.27
CA VAL B 254 -34.32 35.74 -27.74
C VAL B 254 -35.30 36.04 -26.59
N LEU B 255 -34.93 35.64 -25.35
CA LEU B 255 -35.72 35.86 -24.14
C LEU B 255 -35.82 37.36 -23.81
N SER B 256 -34.74 38.13 -24.07
CA SER B 256 -34.68 39.58 -23.85
C SER B 256 -35.64 40.29 -24.83
N MET B 257 -35.65 39.82 -26.10
CA MET B 257 -36.49 40.31 -27.21
C MET B 257 -37.98 40.16 -26.87
N ILE B 258 -38.39 39.00 -26.30
CA ILE B 258 -39.77 38.71 -25.88
C ILE B 258 -40.13 39.62 -24.68
N GLY B 259 -39.18 39.78 -23.76
CA GLY B 259 -39.29 40.60 -22.55
C GLY B 259 -39.44 42.09 -22.82
N ASP B 260 -38.77 42.59 -23.88
CA ASP B 260 -38.84 44.00 -24.32
C ASP B 260 -40.22 44.33 -24.91
N TRP B 261 -40.82 43.37 -25.63
CA TRP B 261 -42.15 43.51 -26.23
C TRP B 261 -43.25 43.50 -25.17
N LEU B 262 -43.13 42.63 -24.16
CA LEU B 262 -44.10 42.48 -23.07
C LEU B 262 -44.15 43.73 -22.17
N ARG B 263 -43.03 44.48 -22.07
CA ARG B 263 -42.92 45.72 -21.29
C ARG B 263 -43.73 46.84 -21.95
N VAL B 264 -43.71 46.91 -23.30
CA VAL B 264 -44.45 47.89 -24.09
C VAL B 264 -45.92 47.51 -24.12
N LYS C 8 38.73 -50.53 25.72
CA LYS C 8 37.75 -51.10 26.63
C LYS C 8 36.49 -50.25 26.67
N TRP C 9 35.31 -50.89 26.87
CA TRP C 9 34.02 -50.22 26.95
C TRP C 9 33.84 -49.47 28.29
N LYS C 10 34.50 -49.98 29.37
CA LYS C 10 34.45 -49.38 30.71
C LYS C 10 35.04 -47.96 30.71
N THR C 11 36.08 -47.72 29.87
CA THR C 11 36.75 -46.43 29.73
C THR C 11 35.94 -45.48 28.82
N VAL C 12 35.07 -46.02 27.94
CA VAL C 12 34.21 -45.25 27.03
C VAL C 12 33.09 -44.59 27.87
N VAL C 13 32.51 -45.34 28.85
CA VAL C 13 31.47 -44.88 29.77
C VAL C 13 32.05 -43.79 30.68
N ALA C 14 33.35 -43.92 31.05
CA ALA C 14 34.08 -42.96 31.89
C ALA C 14 34.13 -41.59 31.21
N ILE C 15 34.46 -41.55 29.89
CA ILE C 15 34.52 -40.32 29.09
C ILE C 15 33.11 -39.71 29.01
N PHE C 16 32.07 -40.56 28.81
CA PHE C 16 30.67 -40.16 28.70
C PHE C 16 30.21 -39.39 29.95
N VAL C 17 30.60 -39.86 31.16
CA VAL C 17 30.24 -39.21 32.42
C VAL C 17 30.92 -37.83 32.48
N VAL C 18 32.22 -37.75 32.12
CA VAL C 18 32.99 -36.50 32.08
C VAL C 18 32.30 -35.48 31.15
N VAL C 19 31.85 -35.93 29.95
CA VAL C 19 31.17 -35.11 28.96
C VAL C 19 29.81 -34.60 29.51
N VAL C 20 28.98 -35.50 30.09
CA VAL C 20 27.66 -35.14 30.65
C VAL C 20 27.86 -34.13 31.82
N VAL C 21 28.89 -34.35 32.67
CA VAL C 21 29.23 -33.45 33.79
C VAL C 21 29.65 -32.08 33.21
N TYR C 22 30.51 -32.09 32.16
CA TYR C 22 31.01 -30.90 31.46
C TYR C 22 29.87 -30.06 30.86
N LEU C 23 28.82 -30.72 30.32
CA LEU C 23 27.66 -30.06 29.74
C LEU C 23 26.77 -29.44 30.82
N VAL C 24 26.56 -30.15 31.95
CA VAL C 24 25.78 -29.67 33.10
C VAL C 24 26.52 -28.45 33.70
N THR C 25 27.87 -28.56 33.83
CA THR C 25 28.76 -27.50 34.31
C THR C 25 28.63 -26.27 33.42
N GLY C 26 28.87 -26.46 32.12
CA GLY C 26 28.78 -25.41 31.10
C GLY C 26 27.43 -24.74 31.07
N GLY C 27 26.38 -25.56 31.13
CA GLY C 27 24.99 -25.13 31.14
C GLY C 27 24.67 -24.16 32.27
N LEU C 28 25.12 -24.50 33.49
CA LEU C 28 24.92 -23.66 34.68
C LEU C 28 25.70 -22.34 34.58
N VAL C 29 26.91 -22.35 33.97
CA VAL C 29 27.76 -21.17 33.79
C VAL C 29 27.12 -20.23 32.76
N PHE C 30 26.69 -20.80 31.60
CA PHE C 30 26.03 -20.03 30.52
C PHE C 30 24.74 -19.40 31.02
N ARG C 31 23.96 -20.13 31.85
CA ARG C 31 22.73 -19.65 32.47
C ARG C 31 23.04 -18.40 33.30
N ALA C 32 23.95 -18.53 34.28
CA ALA C 32 24.41 -17.49 35.20
C ALA C 32 24.92 -16.24 34.46
N LEU C 33 25.52 -16.42 33.27
CA LEU C 33 26.07 -15.33 32.46
C LEU C 33 25.05 -14.68 31.52
N GLU C 34 24.18 -15.47 30.88
CA GLU C 34 23.27 -14.99 29.84
C GLU C 34 21.80 -14.79 30.25
N GLN C 35 21.23 -15.67 31.11
CA GLN C 35 19.82 -15.56 31.53
C GLN C 35 19.48 -14.16 32.11
N PRO C 36 20.33 -13.47 32.94
CA PRO C 36 19.93 -12.13 33.44
C PRO C 36 19.72 -11.12 32.30
N PHE C 37 20.57 -11.17 31.25
CA PHE C 37 20.47 -10.29 30.09
C PHE C 37 19.27 -10.69 29.23
N GLU C 38 19.02 -12.01 29.07
CA GLU C 38 17.90 -12.57 28.29
C GLU C 38 16.58 -12.13 28.90
N SER C 39 16.50 -12.14 30.24
CA SER C 39 15.32 -11.71 31.00
C SER C 39 15.17 -10.20 30.92
N SER C 40 16.30 -9.47 30.79
CA SER C 40 16.34 -8.00 30.65
C SER C 40 15.74 -7.58 29.30
N GLN C 41 16.19 -8.23 28.20
CA GLN C 41 15.72 -7.94 26.84
C GLN C 41 14.27 -8.37 26.65
N LYS C 42 13.81 -9.38 27.43
CA LYS C 42 12.45 -9.91 27.42
C LYS C 42 11.47 -8.83 27.87
N ASN C 43 11.87 -8.07 28.91
CA ASN C 43 11.12 -6.98 29.51
C ASN C 43 11.16 -5.74 28.61
N THR C 44 12.35 -5.38 28.06
CA THR C 44 12.56 -4.20 27.21
C THR C 44 11.66 -4.22 25.96
N ILE C 45 11.58 -5.34 25.23
CA ILE C 45 10.76 -5.46 24.01
C ILE C 45 9.27 -5.35 24.38
N ALA C 46 8.86 -6.00 25.49
CA ALA C 46 7.48 -5.97 26.00
C ALA C 46 7.07 -4.54 26.36
N LEU C 47 8.02 -3.75 26.89
CA LEU C 47 7.78 -2.34 27.25
C LEU C 47 7.69 -1.49 26.00
N GLU C 48 8.71 -1.57 25.10
CA GLU C 48 8.82 -0.79 23.87
C GLU C 48 7.62 -0.97 22.94
N LYS C 49 7.11 -2.23 22.82
CA LYS C 49 5.96 -2.57 21.99
C LYS C 49 4.69 -1.95 22.56
N ALA C 50 4.46 -2.13 23.88
CA ALA C 50 3.31 -1.58 24.59
C ALA C 50 3.36 -0.05 24.62
N GLU C 51 4.59 0.52 24.58
CA GLU C 51 4.87 1.95 24.53
C GLU C 51 4.49 2.50 23.16
N PHE C 52 4.86 1.77 22.08
CA PHE C 52 4.57 2.16 20.70
C PHE C 52 3.06 2.23 20.47
N LEU C 53 2.31 1.27 21.02
CA LEU C 53 0.86 1.19 20.88
C LEU C 53 0.11 2.28 21.68
N ARG C 54 0.68 2.71 22.84
CA ARG C 54 0.07 3.76 23.66
C ARG C 54 0.43 5.14 23.12
N ASP C 55 1.60 5.26 22.43
CA ASP C 55 2.05 6.50 21.82
C ASP C 55 1.44 6.69 20.44
N HIS C 56 1.11 5.58 19.75
CA HIS C 56 0.48 5.58 18.44
C HIS C 56 -0.84 4.82 18.53
N VAL C 57 -1.90 5.55 18.86
CA VAL C 57 -3.27 5.05 19.06
C VAL C 57 -3.85 4.50 17.73
N CYS C 58 -3.47 5.10 16.58
CA CYS C 58 -3.94 4.73 15.23
C CYS C 58 -3.48 3.29 14.82
N VAL C 59 -2.48 2.73 15.53
CA VAL C 59 -1.93 1.38 15.30
C VAL C 59 -2.60 0.39 16.27
N SER C 60 -3.17 -0.70 15.73
CA SER C 60 -3.81 -1.77 16.50
C SER C 60 -2.75 -2.77 16.99
N PRO C 61 -3.00 -3.59 18.04
CA PRO C 61 -1.96 -4.54 18.49
C PRO C 61 -1.60 -5.58 17.43
N GLN C 62 -2.58 -5.99 16.60
CA GLN C 62 -2.39 -6.96 15.53
C GLN C 62 -1.65 -6.32 14.34
N GLU C 63 -1.97 -5.04 14.02
CA GLU C 63 -1.33 -4.27 12.95
C GLU C 63 0.17 -4.14 13.21
N LEU C 64 0.54 -4.04 14.50
CA LEU C 64 1.92 -3.97 14.98
C LEU C 64 2.59 -5.33 14.77
N GLU C 65 1.94 -6.42 15.22
CA GLU C 65 2.42 -7.80 15.11
C GLU C 65 2.72 -8.17 13.66
N THR C 66 1.81 -7.76 12.74
CA THR C 66 1.89 -8.00 11.31
C THR C 66 3.16 -7.34 10.76
N LEU C 67 3.43 -6.07 11.13
CA LEU C 67 4.63 -5.34 10.70
C LEU C 67 5.91 -5.97 11.25
N ILE C 68 5.94 -6.28 12.58
CA ILE C 68 7.11 -6.91 13.21
C ILE C 68 7.39 -8.23 12.49
N GLN C 69 6.33 -9.00 12.16
CA GLN C 69 6.45 -10.26 11.42
C GLN C 69 7.10 -10.02 10.06
N HIS C 70 6.63 -8.99 9.31
CA HIS C 70 7.18 -8.60 8.00
C HIS C 70 8.65 -8.22 8.11
N ALA C 71 9.04 -7.53 9.21
CA ALA C 71 10.41 -7.12 9.47
C ALA C 71 11.29 -8.33 9.69
N LEU C 72 10.81 -9.30 10.49
CA LEU C 72 11.53 -10.54 10.79
C LEU C 72 11.64 -11.42 9.54
N ASP C 73 10.54 -11.61 8.79
CA ASP C 73 10.48 -12.40 7.56
C ASP C 73 11.57 -11.97 6.58
N ALA C 74 11.78 -10.63 6.46
CA ALA C 74 12.80 -10.03 5.61
C ALA C 74 14.18 -10.34 6.15
N ASP C 75 14.38 -10.18 7.47
CA ASP C 75 15.67 -10.43 8.13
C ASP C 75 16.08 -11.91 8.02
N ASN C 76 15.11 -12.85 8.07
CA ASN C 76 15.33 -14.28 7.95
C ASN C 76 15.79 -14.64 6.53
N ALA C 77 15.30 -13.89 5.53
CA ALA C 77 15.66 -14.04 4.11
C ALA C 77 17.01 -13.36 3.80
N GLY C 78 17.55 -12.62 4.77
CA GLY C 78 18.82 -11.92 4.67
C GLY C 78 18.74 -10.49 4.20
N VAL C 79 17.54 -9.89 4.26
CA VAL C 79 17.27 -8.49 3.86
C VAL C 79 16.98 -7.68 5.13
N SER C 80 17.85 -6.69 5.45
CA SER C 80 17.68 -5.87 6.65
C SER C 80 16.42 -5.00 6.52
N PRO C 81 15.48 -5.06 7.49
CA PRO C 81 14.27 -4.23 7.35
C PRO C 81 14.51 -2.78 7.80
N ILE C 82 15.76 -2.29 7.66
CA ILE C 82 16.19 -0.94 8.01
C ILE C 82 16.75 -0.26 6.76
N GLY C 83 16.13 0.84 6.34
CA GLY C 83 16.57 1.64 5.19
C GLY C 83 16.26 1.05 3.82
N ASN C 84 16.05 1.97 2.85
CA ASN C 84 15.74 1.67 1.45
C ASN C 84 17.00 1.56 0.59
N SER C 85 18.06 2.32 0.93
CA SER C 85 19.34 2.36 0.20
C SER C 85 20.12 1.04 0.33
N SER C 86 19.84 0.24 1.40
CA SER C 86 20.44 -1.07 1.67
C SER C 86 20.10 -2.10 0.57
N ASN C 87 19.03 -1.81 -0.23
CA ASN C 87 18.53 -2.63 -1.34
C ASN C 87 19.39 -2.37 -2.61
N ASN C 88 20.70 -2.71 -2.49
CA ASN C 88 21.73 -2.60 -3.53
C ASN C 88 22.82 -3.65 -3.30
N SER C 89 23.00 -4.06 -2.03
CA SER C 89 23.97 -5.08 -1.60
C SER C 89 23.30 -6.46 -1.51
N SER C 90 23.84 -7.44 -2.27
CA SER C 90 23.29 -8.80 -2.33
C SER C 90 24.07 -9.78 -1.46
N HIS C 91 23.39 -10.87 -1.05
CA HIS C 91 23.93 -11.97 -0.24
C HIS C 91 24.19 -13.21 -1.11
N TRP C 92 23.64 -13.22 -2.34
CA TRP C 92 23.77 -14.35 -3.25
C TRP C 92 24.50 -14.00 -4.56
N ASP C 93 25.25 -12.87 -4.57
CA ASP C 93 26.07 -12.48 -5.72
C ASP C 93 27.26 -13.45 -5.78
N LEU C 94 27.74 -13.82 -7.00
CA LEU C 94 28.82 -14.79 -7.23
C LEU C 94 29.86 -14.86 -6.09
N GLY C 95 30.36 -13.70 -5.65
CA GLY C 95 31.35 -13.57 -4.59
C GLY C 95 30.89 -14.10 -3.24
N SER C 96 29.74 -13.62 -2.76
CA SER C 96 29.14 -14.03 -1.49
C SER C 96 28.58 -15.46 -1.59
N ALA C 97 28.10 -15.85 -2.79
CA ALA C 97 27.52 -17.16 -3.08
C ALA C 97 28.58 -18.26 -3.00
N PHE C 98 29.82 -17.95 -3.45
CA PHE C 98 30.98 -18.83 -3.40
C PHE C 98 31.33 -19.07 -1.92
N PHE C 99 31.40 -17.97 -1.14
CA PHE C 99 31.70 -18.00 0.29
C PHE C 99 30.68 -18.85 1.03
N PHE C 100 29.37 -18.72 0.71
CA PHE C 100 28.31 -19.54 1.31
C PHE C 100 28.56 -21.01 1.02
N ALA C 101 28.88 -21.34 -0.26
CA ALA C 101 29.18 -22.69 -0.69
C ALA C 101 30.38 -23.22 0.07
N GLY C 102 31.35 -22.34 0.35
CA GLY C 102 32.55 -22.64 1.13
C GLY C 102 32.27 -22.92 2.58
N THR C 103 31.35 -22.13 3.18
CA THR C 103 30.88 -22.23 4.57
C THR C 103 30.22 -23.60 4.82
N VAL C 104 29.40 -24.07 3.86
CA VAL C 104 28.69 -25.36 3.89
C VAL C 104 29.70 -26.54 3.92
N ILE C 105 30.69 -26.51 3.02
CA ILE C 105 31.72 -27.53 2.80
C ILE C 105 32.68 -27.61 4.02
N THR C 106 32.98 -26.46 4.66
CA THR C 106 33.84 -26.41 5.85
C THR C 106 33.05 -26.77 7.13
N THR C 107 31.73 -27.04 6.99
CA THR C 107 30.76 -27.38 8.05
C THR C 107 30.65 -26.26 9.11
N ILE C 108 30.94 -25.01 8.71
CA ILE C 108 30.82 -23.86 9.60
C ILE C 108 29.31 -23.54 9.71
N GLY C 109 28.64 -23.44 8.55
CA GLY C 109 27.21 -23.17 8.42
C GLY C 109 26.70 -22.02 9.26
N TYR C 110 27.35 -20.84 9.12
CA TYR C 110 27.11 -19.60 9.87
C TYR C 110 25.67 -19.41 10.34
N GLY C 111 24.72 -19.34 9.42
CA GLY C 111 23.34 -19.18 9.85
C GLY C 111 22.81 -17.76 9.83
N ASN C 112 23.62 -16.80 9.38
CA ASN C 112 23.19 -15.41 9.17
C ASN C 112 22.37 -15.39 7.87
N ILE C 113 22.70 -16.33 6.96
CA ILE C 113 22.10 -16.58 5.67
C ILE C 113 22.07 -18.12 5.43
N ALA C 114 20.91 -18.62 5.00
CA ALA C 114 20.63 -20.03 4.71
C ALA C 114 19.67 -20.13 3.51
N PRO C 115 19.59 -21.26 2.78
CA PRO C 115 18.65 -21.33 1.63
C PRO C 115 17.18 -21.20 2.05
N SER C 116 16.46 -20.27 1.41
CA SER C 116 15.05 -19.98 1.67
C SER C 116 14.14 -20.80 0.74
N THR C 117 14.52 -20.89 -0.56
CA THR C 117 13.82 -21.64 -1.63
C THR C 117 13.79 -23.13 -1.29
N GLU C 118 12.71 -23.83 -1.69
CA GLU C 118 12.56 -25.29 -1.51
C GLU C 118 13.68 -26.01 -2.26
N GLY C 119 13.94 -25.55 -3.50
CA GLY C 119 14.99 -26.07 -4.36
C GLY C 119 16.38 -25.77 -3.82
N GLY C 120 16.52 -24.59 -3.22
CA GLY C 120 17.76 -24.14 -2.60
C GLY C 120 18.16 -25.06 -1.45
N LYS C 121 17.15 -25.54 -0.68
CA LYS C 121 17.30 -26.47 0.43
C LYS C 121 17.63 -27.88 -0.10
N ILE C 122 16.94 -28.32 -1.19
CA ILE C 122 17.17 -29.62 -1.85
C ILE C 122 18.63 -29.69 -2.32
N PHE C 123 19.09 -28.66 -3.08
CA PHE C 123 20.45 -28.58 -3.59
C PHE C 123 21.46 -28.55 -2.45
N CYS C 124 21.15 -27.83 -1.35
CA CYS C 124 22.02 -27.71 -0.18
C CYS C 124 22.27 -29.07 0.49
N ILE C 125 21.23 -29.94 0.55
CA ILE C 125 21.32 -31.30 1.11
C ILE C 125 22.33 -32.12 0.31
N LEU C 126 22.17 -32.13 -1.04
CA LEU C 126 23.04 -32.84 -1.97
C LEU C 126 24.44 -32.23 -2.03
N TYR C 127 24.54 -30.90 -1.92
CA TYR C 127 25.80 -30.15 -1.95
C TYR C 127 26.64 -30.47 -0.71
N ALA C 128 26.00 -30.69 0.45
CA ALA C 128 26.68 -31.04 1.69
C ALA C 128 27.11 -32.52 1.69
N ILE C 129 26.23 -33.42 1.21
CA ILE C 129 26.42 -34.87 1.13
C ILE C 129 27.71 -35.23 0.36
N PHE C 130 27.98 -34.57 -0.79
CA PHE C 130 29.15 -34.84 -1.61
C PHE C 130 30.31 -33.87 -1.33
N GLY C 131 29.97 -32.65 -0.95
CA GLY C 131 30.96 -31.60 -0.70
C GLY C 131 31.78 -31.70 0.56
N ILE C 132 31.15 -32.10 1.69
CA ILE C 132 31.83 -32.24 3.00
C ILE C 132 32.95 -33.33 2.88
N PRO C 133 32.71 -34.54 2.30
CA PRO C 133 33.82 -35.50 2.16
C PRO C 133 34.91 -35.01 1.21
N LEU C 134 34.53 -34.24 0.16
CA LEU C 134 35.46 -33.66 -0.82
C LEU C 134 36.45 -32.71 -0.14
N PHE C 135 35.98 -31.95 0.87
CA PHE C 135 36.82 -31.04 1.65
C PHE C 135 37.69 -31.82 2.61
N GLY C 136 37.16 -32.94 3.11
CA GLY C 136 37.86 -33.84 4.02
C GLY C 136 39.16 -34.32 3.40
N PHE C 137 39.11 -34.66 2.09
CA PHE C 137 40.23 -35.11 1.29
C PHE C 137 41.26 -33.99 1.12
N LEU C 138 40.80 -32.75 0.82
CA LEU C 138 41.68 -31.59 0.65
C LEU C 138 42.35 -31.22 1.97
N LEU C 139 41.62 -31.27 3.08
CA LEU C 139 42.12 -30.96 4.42
C LEU C 139 43.14 -32.00 4.87
N ALA C 140 42.90 -33.29 4.53
CA ALA C 140 43.80 -34.39 4.84
C ALA C 140 45.03 -34.34 3.93
N GLY C 141 44.83 -33.82 2.73
CA GLY C 141 45.87 -33.65 1.71
C GLY C 141 46.90 -32.63 2.13
N ILE C 142 46.46 -31.43 2.55
CA ILE C 142 47.33 -30.36 3.03
C ILE C 142 47.87 -30.76 4.42
N GLY C 143 47.04 -31.49 5.18
CA GLY C 143 47.36 -32.01 6.51
C GLY C 143 48.51 -32.99 6.51
N ASP C 144 48.60 -33.84 5.47
CA ASP C 144 49.67 -34.83 5.32
C ASP C 144 50.97 -34.16 4.87
N GLN C 145 50.88 -33.19 3.93
CA GLN C 145 52.02 -32.45 3.38
C GLN C 145 52.67 -31.59 4.47
N LEU C 146 51.86 -30.84 5.24
CA LEU C 146 52.34 -29.99 6.34
C LEU C 146 52.85 -30.83 7.51
N GLY C 147 52.22 -32.00 7.74
CA GLY C 147 52.59 -32.94 8.79
C GLY C 147 53.98 -33.53 8.62
N THR C 148 54.39 -33.74 7.36
CA THR C 148 55.71 -34.24 6.97
C THR C 148 56.74 -33.13 7.23
N ILE C 149 56.38 -31.86 6.96
CA ILE C 149 57.21 -30.67 7.18
C ILE C 149 57.39 -30.49 8.71
N PHE C 150 56.33 -30.73 9.50
CA PHE C 150 56.34 -30.65 10.97
C PHE C 150 57.20 -31.78 11.56
N GLY C 151 57.12 -32.97 10.94
CA GLY C 151 57.88 -34.15 11.35
C GLY C 151 59.37 -34.02 11.10
N LYS C 152 59.74 -33.36 9.98
CA LYS C 152 61.12 -33.10 9.59
C LYS C 152 61.74 -31.99 10.45
N SER C 153 60.98 -30.90 10.70
CA SER C 153 61.42 -29.76 11.50
C SER C 153 60.94 -29.90 12.93
N GLN C 168 64.05 -37.58 22.46
CA GLN C 168 62.92 -37.62 21.53
C GLN C 168 61.64 -37.09 22.20
N THR C 169 61.38 -37.46 23.46
CA THR C 169 60.21 -37.04 24.23
C THR C 169 60.24 -35.54 24.52
N LYS C 170 61.43 -35.00 24.88
CA LYS C 170 61.66 -33.58 25.18
C LYS C 170 61.52 -32.71 23.92
N ILE C 171 62.01 -33.22 22.77
CA ILE C 171 61.95 -32.53 21.48
C ILE C 171 60.52 -32.51 20.92
N ARG C 172 59.69 -33.52 21.28
CA ARG C 172 58.29 -33.66 20.84
C ARG C 172 57.36 -32.69 21.57
N VAL C 173 57.59 -32.46 22.88
CA VAL C 173 56.79 -31.57 23.73
C VAL C 173 57.09 -30.09 23.37
N ILE C 174 58.40 -29.76 23.19
CA ILE C 174 58.88 -28.42 22.86
C ILE C 174 58.38 -27.94 21.48
N SER C 175 58.32 -28.86 20.49
CA SER C 175 57.86 -28.57 19.13
C SER C 175 56.34 -28.33 19.10
N THR C 176 55.56 -29.19 19.78
CA THR C 176 54.09 -29.12 19.89
C THR C 176 53.68 -27.82 20.59
N ILE C 177 54.48 -27.35 21.57
CA ILE C 177 54.25 -26.12 22.30
C ILE C 177 54.51 -24.88 21.42
N LEU C 178 55.40 -25.01 20.42
CA LEU C 178 55.76 -23.90 19.51
C LEU C 178 54.81 -23.80 18.30
N PHE C 179 54.41 -24.95 17.71
CA PHE C 179 53.55 -25.01 16.52
C PHE C 179 52.15 -24.48 16.80
N ILE C 180 51.60 -24.77 18.00
CA ILE C 180 50.29 -24.30 18.44
C ILE C 180 50.33 -22.77 18.58
N LEU C 181 51.38 -22.23 19.26
CA LEU C 181 51.59 -20.81 19.46
C LEU C 181 51.78 -20.07 18.13
N ALA C 182 52.50 -20.68 17.17
CA ALA C 182 52.76 -20.13 15.84
C ALA C 182 51.45 -19.86 15.10
N GLY C 183 50.55 -20.85 15.13
CA GLY C 183 49.23 -20.76 14.52
C GLY C 183 48.30 -19.79 15.23
N CYS C 184 48.50 -19.63 16.55
CA CYS C 184 47.73 -18.71 17.40
C CYS C 184 48.03 -17.26 17.05
N ILE C 185 49.20 -16.98 16.47
CA ILE C 185 49.58 -15.62 16.08
C ILE C 185 49.15 -15.39 14.62
N VAL C 186 49.68 -16.23 13.71
CA VAL C 186 49.48 -16.19 12.25
C VAL C 186 47.98 -16.34 11.85
N PHE C 187 47.27 -17.34 12.40
CA PHE C 187 45.88 -17.63 12.02
C PHE C 187 44.81 -17.21 13.05
N VAL C 188 45.20 -16.81 14.28
CA VAL C 188 44.20 -16.42 15.27
C VAL C 188 44.33 -14.92 15.62
N THR C 189 45.51 -14.48 16.12
CA THR C 189 45.76 -13.10 16.56
C THR C 189 45.72 -12.09 15.39
N ILE C 190 46.64 -12.23 14.41
CA ILE C 190 46.77 -11.36 13.23
C ILE C 190 45.41 -11.20 12.49
N PRO C 191 44.66 -12.27 12.11
CA PRO C 191 43.38 -12.05 11.42
C PRO C 191 42.33 -11.32 12.27
N ALA C 192 42.29 -11.59 13.60
CA ALA C 192 41.37 -10.92 14.53
C ALA C 192 41.60 -9.41 14.54
N VAL C 193 42.89 -8.99 14.51
CA VAL C 193 43.33 -7.59 14.46
C VAL C 193 42.82 -6.96 13.14
N ILE C 194 42.92 -7.71 12.02
CA ILE C 194 42.46 -7.27 10.70
C ILE C 194 40.93 -7.11 10.73
N PHE C 195 40.19 -8.10 11.29
CA PHE C 195 38.72 -8.10 11.40
C PHE C 195 38.21 -6.95 12.32
N LYS C 196 38.99 -6.57 13.35
CA LYS C 196 38.67 -5.49 14.29
C LYS C 196 38.65 -4.12 13.58
N TYR C 197 39.60 -3.91 12.64
CA TYR C 197 39.73 -2.66 11.88
C TYR C 197 38.80 -2.63 10.66
N ILE C 198 38.69 -3.75 9.91
CA ILE C 198 37.87 -3.83 8.70
C ILE C 198 36.36 -3.86 9.05
N GLU C 199 35.90 -4.89 9.78
CA GLU C 199 34.48 -5.05 10.13
C GLU C 199 34.00 -4.07 11.23
N GLY C 200 34.94 -3.48 11.96
CA GLY C 200 34.64 -2.52 13.03
C GLY C 200 34.10 -3.15 14.30
N TRP C 201 34.73 -4.26 14.74
CA TRP C 201 34.36 -5.00 15.95
C TRP C 201 35.29 -4.67 17.10
N THR C 202 34.87 -5.03 18.34
CA THR C 202 35.70 -4.81 19.54
C THR C 202 36.80 -5.88 19.55
N ALA C 203 37.81 -5.73 20.44
CA ALA C 203 38.92 -6.68 20.56
C ALA C 203 38.41 -8.11 20.84
N LEU C 204 37.40 -8.24 21.72
CA LEU C 204 36.79 -9.52 22.09
C LEU C 204 36.00 -10.13 20.95
N GLU C 205 35.05 -9.37 20.36
CA GLU C 205 34.17 -9.79 19.25
C GLU C 205 34.96 -10.39 18.07
N SER C 206 36.14 -9.82 17.77
CA SER C 206 37.02 -10.26 16.69
C SER C 206 37.67 -11.60 17.01
N ILE C 207 38.23 -11.76 18.23
CA ILE C 207 38.86 -13.01 18.70
C ILE C 207 37.78 -14.10 18.81
N TYR C 208 36.60 -13.74 19.37
CA TYR C 208 35.42 -14.61 19.50
C TYR C 208 35.04 -15.13 18.12
N PHE C 209 34.96 -14.23 17.11
CA PHE C 209 34.63 -14.59 15.73
C PHE C 209 35.62 -15.63 15.18
N VAL C 210 36.93 -15.29 15.22
CA VAL C 210 38.02 -16.14 14.74
C VAL C 210 37.94 -17.53 15.38
N VAL C 211 37.80 -17.61 16.74
CA VAL C 211 37.71 -18.86 17.49
C VAL C 211 36.47 -19.65 17.02
N VAL C 212 35.27 -19.02 16.99
CA VAL C 212 33.99 -19.64 16.56
C VAL C 212 34.07 -20.12 15.09
N THR C 213 34.81 -19.39 14.23
CA THR C 213 34.99 -19.74 12.81
C THR C 213 35.90 -20.96 12.65
N LEU C 214 37.17 -20.89 13.14
CA LEU C 214 38.14 -21.96 12.99
C LEU C 214 37.74 -23.25 13.71
N THR C 215 36.90 -23.18 14.76
CA THR C 215 36.43 -24.38 15.45
C THR C 215 35.23 -25.02 14.72
N THR C 216 34.84 -24.45 13.55
CA THR C 216 33.73 -24.83 12.66
C THR C 216 32.39 -24.82 13.40
N VAL C 217 32.29 -24.03 14.49
CA VAL C 217 31.06 -23.87 15.27
C VAL C 217 30.10 -23.00 14.43
N GLY C 218 30.59 -21.83 14.01
CA GLY C 218 29.89 -20.87 13.16
C GLY C 218 28.49 -20.51 13.59
N PHE C 219 28.39 -19.59 14.57
CA PHE C 219 27.11 -19.14 15.10
C PHE C 219 26.42 -18.19 14.14
N GLY C 220 27.19 -17.41 13.40
CA GLY C 220 26.64 -16.45 12.46
C GLY C 220 26.09 -15.21 13.13
N ASP C 221 26.54 -14.95 14.37
CA ASP C 221 26.19 -13.75 15.12
C ASP C 221 27.22 -12.66 14.74
N PHE C 222 28.33 -13.09 14.14
CA PHE C 222 29.44 -12.30 13.60
C PHE C 222 29.95 -12.99 12.36
N VAL C 223 29.90 -12.31 11.20
CA VAL C 223 30.35 -12.84 9.91
C VAL C 223 31.20 -11.78 9.22
N ALA C 224 32.31 -12.19 8.60
CA ALA C 224 33.20 -11.29 7.86
C ALA C 224 32.57 -10.91 6.53
N ARG C 233 35.20 -4.95 -0.40
CA ARG C 233 35.96 -5.23 -1.61
C ARG C 233 35.61 -6.63 -2.15
N GLU C 234 35.75 -6.81 -3.48
CA GLU C 234 35.43 -8.06 -4.20
C GLU C 234 36.27 -9.26 -3.73
N TRP C 235 37.54 -9.01 -3.37
CA TRP C 235 38.49 -10.03 -2.93
C TRP C 235 38.32 -10.44 -1.45
N TYR C 236 37.59 -9.65 -0.63
CA TYR C 236 37.41 -9.89 0.80
C TYR C 236 36.73 -11.23 1.11
N LYS C 237 35.46 -11.43 0.66
CA LYS C 237 34.67 -12.66 0.88
C LYS C 237 35.46 -13.95 0.50
N PRO C 238 36.10 -14.11 -0.70
CA PRO C 238 36.85 -15.35 -0.96
C PRO C 238 38.13 -15.48 -0.10
N LEU C 239 38.89 -14.37 0.10
CA LEU C 239 40.13 -14.35 0.91
C LEU C 239 39.87 -14.85 2.34
N VAL C 240 38.71 -14.46 2.93
CA VAL C 240 38.28 -14.88 4.27
C VAL C 240 38.16 -16.41 4.28
N TRP C 241 37.54 -17.01 3.24
CA TRP C 241 37.43 -18.46 3.10
C TRP C 241 38.81 -19.10 2.90
N PHE C 242 39.73 -18.41 2.19
CA PHE C 242 41.07 -18.97 1.98
C PHE C 242 41.86 -18.98 3.30
N TRP C 243 41.61 -17.99 4.21
CA TRP C 243 42.21 -17.96 5.55
C TRP C 243 41.65 -19.15 6.35
N ILE C 244 40.34 -19.42 6.19
CA ILE C 244 39.62 -20.54 6.81
C ILE C 244 40.25 -21.85 6.34
N LEU C 245 40.60 -21.96 5.04
CA LEU C 245 41.22 -23.13 4.44
C LEU C 245 42.64 -23.37 4.98
N VAL C 246 43.51 -22.33 4.97
CA VAL C 246 44.90 -22.42 5.45
C VAL C 246 44.91 -22.65 6.98
N GLY C 247 44.05 -21.92 7.69
CA GLY C 247 43.90 -22.02 9.13
C GLY C 247 43.44 -23.38 9.61
N LEU C 248 42.39 -23.94 8.95
CA LEU C 248 41.84 -25.24 9.29
C LEU C 248 42.83 -26.35 9.00
N ALA C 249 43.54 -26.26 7.85
CA ALA C 249 44.53 -27.25 7.42
C ALA C 249 45.74 -27.27 8.36
N TYR C 250 46.17 -26.09 8.86
CA TYR C 250 47.31 -25.94 9.78
C TYR C 250 47.01 -26.64 11.11
N PHE C 251 45.84 -26.33 11.71
CA PHE C 251 45.37 -26.92 12.97
C PHE C 251 45.14 -28.42 12.82
N ALA C 252 44.69 -28.88 11.62
CA ALA C 252 44.44 -30.28 11.30
C ALA C 252 45.75 -31.04 11.17
N ALA C 253 46.80 -30.37 10.62
CA ALA C 253 48.15 -30.91 10.45
C ALA C 253 48.85 -31.10 11.81
N VAL C 254 48.56 -30.21 12.78
CA VAL C 254 49.08 -30.27 14.15
C VAL C 254 48.44 -31.49 14.84
N LEU C 255 47.15 -31.75 14.55
CA LEU C 255 46.42 -32.90 15.08
C LEU C 255 46.87 -34.21 14.40
N SER C 256 47.17 -34.17 13.08
CA SER C 256 47.62 -35.32 12.29
C SER C 256 49.02 -35.78 12.69
N MET C 257 49.96 -34.83 12.92
CA MET C 257 51.34 -35.10 13.32
C MET C 257 51.39 -35.65 14.75
N ILE C 258 50.47 -35.19 15.64
CA ILE C 258 50.40 -35.65 17.03
C ILE C 258 49.87 -37.09 17.10
N GLY C 259 48.82 -37.37 16.31
CA GLY C 259 48.19 -38.70 16.22
C GLY C 259 49.11 -39.79 15.69
N ASP C 260 49.96 -39.43 14.70
CA ASP C 260 50.94 -40.31 14.05
C ASP C 260 52.18 -40.54 14.93
N TRP C 261 52.54 -39.54 15.77
CA TRP C 261 53.68 -39.64 16.69
C TRP C 261 53.35 -40.53 17.90
N LEU C 262 52.09 -40.48 18.40
CA LEU C 262 51.59 -41.27 19.52
C LEU C 262 51.54 -42.77 19.17
N ARG C 263 51.32 -43.12 17.88
CA ARG C 263 51.27 -44.49 17.38
C ARG C 263 52.67 -45.13 17.40
N LYS D 8 51.43 -37.83 -2.25
CA LYS D 8 52.15 -36.90 -3.13
C LYS D 8 51.49 -35.53 -3.12
N TRP D 9 52.30 -34.46 -3.27
CA TRP D 9 51.83 -33.07 -3.28
C TRP D 9 51.10 -32.73 -4.59
N LYS D 10 51.47 -33.39 -5.71
CA LYS D 10 50.86 -33.20 -7.03
C LYS D 10 49.38 -33.57 -7.03
N THR D 11 49.01 -34.61 -6.25
CA THR D 11 47.63 -35.09 -6.10
C THR D 11 46.83 -34.21 -5.12
N VAL D 12 47.51 -33.46 -4.22
CA VAL D 12 46.89 -32.55 -3.25
C VAL D 12 46.38 -31.30 -4.01
N VAL D 13 47.18 -30.80 -4.99
CA VAL D 13 46.84 -29.65 -5.84
C VAL D 13 45.66 -30.03 -6.77
N ALA D 14 45.60 -31.31 -7.19
CA ALA D 14 44.52 -31.86 -8.02
C ALA D 14 43.18 -31.76 -7.30
N ILE D 15 43.13 -32.15 -6.00
CA ILE D 15 41.93 -32.07 -5.14
C ILE D 15 41.53 -30.59 -4.98
N PHE D 16 42.52 -29.70 -4.77
CA PHE D 16 42.32 -28.26 -4.59
C PHE D 16 41.58 -27.64 -5.78
N VAL D 17 41.94 -28.02 -7.03
CA VAL D 17 41.29 -27.52 -8.25
C VAL D 17 39.83 -28.00 -8.26
N VAL D 18 39.59 -29.30 -7.95
CA VAL D 18 38.25 -29.91 -7.89
C VAL D 18 37.37 -29.12 -6.88
N VAL D 19 37.93 -28.80 -5.68
CA VAL D 19 37.25 -28.07 -4.62
C VAL D 19 36.92 -26.63 -5.09
N VAL D 20 37.89 -25.89 -5.69
CA VAL D 20 37.67 -24.52 -6.17
C VAL D 20 36.59 -24.52 -7.28
N VAL D 21 36.64 -25.52 -8.20
CA VAL D 21 35.65 -25.69 -9.27
C VAL D 21 34.27 -25.95 -8.65
N TYR D 22 34.21 -26.86 -7.64
CA TYR D 22 32.99 -27.24 -6.91
C TYR D 22 32.34 -26.04 -6.21
N LEU D 23 33.16 -25.11 -5.66
CA LEU D 23 32.68 -23.91 -4.99
C LEU D 23 32.14 -22.88 -5.99
N VAL D 24 32.82 -22.71 -7.14
CA VAL D 24 32.39 -21.81 -8.21
C VAL D 24 31.07 -22.35 -8.78
N THR D 25 30.98 -23.68 -9.01
CA THR D 25 29.80 -24.40 -9.47
C THR D 25 28.65 -24.19 -8.49
N GLY D 26 28.87 -24.53 -7.22
CA GLY D 26 27.90 -24.37 -6.16
C GLY D 26 27.39 -22.95 -6.01
N GLY D 27 28.33 -22.00 -6.05
CA GLY D 27 28.06 -20.56 -5.96
C GLY D 27 27.08 -20.08 -7.02
N LEU D 28 27.31 -20.48 -8.28
CA LEU D 28 26.45 -20.12 -9.41
C LEU D 28 25.06 -20.75 -9.30
N VAL D 29 24.98 -22.00 -8.77
CA VAL D 29 23.71 -22.73 -8.58
C VAL D 29 22.89 -22.06 -7.48
N PHE D 30 23.54 -21.76 -6.32
CA PHE D 30 22.89 -21.09 -5.17
C PHE D 30 22.37 -19.71 -5.56
N ARG D 31 23.15 -18.97 -6.39
CA ARG D 31 22.76 -17.65 -6.91
C ARG D 31 21.45 -17.79 -7.69
N ALA D 32 21.46 -18.64 -8.74
CA ALA D 32 20.34 -18.94 -9.63
C ALA D 32 19.08 -19.38 -8.87
N LEU D 33 19.24 -20.06 -7.71
CA LEU D 33 18.14 -20.55 -6.89
C LEU D 33 17.63 -19.55 -5.87
N GLU D 34 18.53 -18.79 -5.21
CA GLU D 34 18.18 -17.90 -4.11
C GLU D 34 18.10 -16.40 -4.43
N GLN D 35 18.98 -15.85 -5.31
CA GLN D 35 18.96 -14.42 -5.65
C GLN D 35 17.56 -13.93 -6.14
N PRO D 36 16.77 -14.69 -6.98
CA PRO D 36 15.45 -14.17 -7.38
C PRO D 36 14.51 -13.93 -6.19
N PHE D 37 14.55 -14.84 -5.19
CA PHE D 37 13.74 -14.73 -3.98
C PHE D 37 14.26 -13.60 -3.08
N GLU D 38 15.60 -13.45 -2.98
CA GLU D 38 16.27 -12.42 -2.19
C GLU D 38 15.90 -11.04 -2.71
N SER D 39 15.84 -10.89 -4.04
CA SER D 39 15.46 -9.65 -4.71
C SER D 39 13.95 -9.40 -4.55
N SER D 40 13.16 -10.49 -4.43
CA SER D 40 11.71 -10.44 -4.22
C SER D 40 11.40 -9.94 -2.80
N GLN D 41 12.15 -10.44 -1.79
CA GLN D 41 12.00 -10.07 -0.38
C GLN D 41 12.43 -8.63 -0.13
N LYS D 42 13.43 -8.13 -0.91
CA LYS D 42 13.91 -6.75 -0.84
C LYS D 42 12.76 -5.79 -1.13
N ASN D 43 12.00 -6.10 -2.20
CA ASN D 43 10.87 -5.32 -2.66
C ASN D 43 9.70 -5.40 -1.69
N THR D 44 9.35 -6.61 -1.20
CA THR D 44 8.23 -6.86 -0.28
C THR D 44 8.34 -6.04 1.02
N ILE D 45 9.53 -6.02 1.67
CA ILE D 45 9.73 -5.26 2.92
C ILE D 45 9.59 -3.75 2.65
N ALA D 46 10.17 -3.27 1.52
CA ALA D 46 10.12 -1.87 1.10
C ALA D 46 8.66 -1.43 0.88
N LEU D 47 7.82 -2.35 0.35
CA LEU D 47 6.40 -2.11 0.11
C LEU D 47 5.64 -2.08 1.42
N GLU D 48 5.78 -3.15 2.25
CA GLU D 48 5.09 -3.34 3.53
C GLU D 48 5.35 -2.19 4.52
N LYS D 49 6.61 -1.68 4.57
CA LYS D 49 7.01 -0.57 5.44
C LYS D 49 6.35 0.72 4.99
N ALA D 50 6.42 1.03 3.67
CA ALA D 50 5.82 2.20 3.06
C ALA D 50 4.29 2.16 3.17
N GLU D 51 3.73 0.92 3.18
CA GLU D 51 2.30 0.63 3.33
C GLU D 51 1.86 0.92 4.75
N PHE D 52 2.66 0.50 5.74
CA PHE D 52 2.38 0.71 7.17
C PHE D 52 2.32 2.20 7.48
N LEU D 53 3.24 2.99 6.90
CA LEU D 53 3.32 4.43 7.12
C LEU D 53 2.18 5.21 6.45
N ARG D 54 1.66 4.71 5.31
CA ARG D 54 0.56 5.36 4.60
C ARG D 54 -0.79 4.95 5.21
N ASP D 55 -0.85 3.76 5.85
CA ASP D 55 -2.04 3.26 6.52
C ASP D 55 -2.13 3.79 7.95
N HIS D 56 -0.97 4.08 8.57
CA HIS D 56 -0.89 4.65 9.90
C HIS D 56 -0.13 5.97 9.83
N VAL D 57 -0.88 7.05 9.59
CA VAL D 57 -0.40 8.42 9.42
C VAL D 57 0.25 8.96 10.73
N CYS D 58 -0.26 8.53 11.91
CA CYS D 58 0.21 8.95 13.23
C CYS D 58 1.67 8.46 13.52
N VAL D 59 2.17 7.49 12.74
CA VAL D 59 3.53 6.93 12.84
C VAL D 59 4.45 7.64 11.84
N SER D 60 5.59 8.16 12.34
CA SER D 60 6.61 8.85 11.54
C SER D 60 7.56 7.81 10.90
N PRO D 61 8.31 8.12 9.81
CA PRO D 61 9.21 7.12 9.24
C PRO D 61 10.33 6.68 10.19
N GLN D 62 10.80 7.61 11.05
CA GLN D 62 11.85 7.35 12.03
C GLN D 62 11.29 6.54 13.21
N GLU D 63 10.03 6.84 13.65
CA GLU D 63 9.34 6.12 14.72
C GLU D 63 9.20 4.64 14.37
N LEU D 64 9.00 4.36 13.08
CA LEU D 64 8.91 3.01 12.53
C LEU D 64 10.26 2.33 12.60
N GLU D 65 11.33 3.02 12.11
CA GLU D 65 12.72 2.53 12.11
C GLU D 65 13.18 2.15 13.51
N THR D 66 12.83 2.99 14.51
CA THR D 66 13.15 2.82 15.93
C THR D 66 12.54 1.51 16.43
N LEU D 67 11.24 1.26 16.11
CA LEU D 67 10.54 0.04 16.51
C LEU D 67 11.13 -1.19 15.83
N ILE D 68 11.38 -1.14 14.49
CA ILE D 68 11.96 -2.26 13.74
C ILE D 68 13.32 -2.59 14.36
N GLN D 69 14.11 -1.56 14.73
CA GLN D 69 15.41 -1.74 15.39
C GLN D 69 15.24 -2.48 16.71
N HIS D 70 14.26 -2.05 17.55
CA HIS D 70 13.94 -2.67 18.83
C HIS D 70 13.53 -4.12 18.66
N ALA D 71 12.78 -4.43 17.58
CA ALA D 71 12.32 -5.77 17.25
C ALA D 71 13.51 -6.66 16.92
N LEU D 72 14.45 -6.15 16.09
CA LEU D 72 15.65 -6.87 15.69
C LEU D 72 16.59 -7.08 16.88
N ASP D 73 16.85 -6.01 17.68
CA ASP D 73 17.69 -6.06 18.88
C ASP D 73 17.28 -7.20 19.81
N ALA D 74 15.96 -7.38 20.00
CA ALA D 74 15.38 -8.43 20.82
C ALA D 74 15.62 -9.79 20.19
N ASP D 75 15.38 -9.92 18.88
CA ASP D 75 15.57 -11.16 18.13
C ASP D 75 17.03 -11.62 18.14
N ASN D 76 17.98 -10.66 18.09
CA ASN D 76 19.43 -10.93 18.12
C ASN D 76 19.84 -11.50 19.50
N ALA D 77 19.15 -11.05 20.56
CA ALA D 77 19.36 -11.51 21.94
C ALA D 77 18.64 -12.86 22.21
N GLY D 78 17.83 -13.32 21.24
CA GLY D 78 17.10 -14.57 21.33
C GLY D 78 15.69 -14.46 21.87
N VAL D 79 15.14 -13.23 21.91
CA VAL D 79 13.78 -12.96 22.38
C VAL D 79 12.92 -12.58 21.17
N SER D 80 11.89 -13.40 20.87
CA SER D 80 11.00 -13.15 19.73
C SER D 80 10.18 -11.87 19.97
N PRO D 81 10.23 -10.88 19.04
CA PRO D 81 9.45 -9.66 19.25
C PRO D 81 7.98 -9.83 18.83
N ILE D 82 7.45 -11.07 18.94
CA ILE D 82 6.07 -11.43 18.61
C ILE D 82 5.40 -11.97 19.88
N GLY D 83 4.34 -11.30 20.32
CA GLY D 83 3.54 -11.67 21.49
C GLY D 83 4.17 -11.39 22.84
N ASN D 84 3.30 -11.14 23.84
CA ASN D 84 3.65 -10.84 25.23
C ASN D 84 3.71 -12.11 26.09
N SER D 85 2.87 -13.13 25.75
CA SER D 85 2.78 -14.41 26.46
C SER D 85 4.04 -15.26 26.29
N SER D 86 4.82 -15.03 25.19
CA SER D 86 6.08 -15.70 24.87
C SER D 86 7.16 -15.43 25.93
N ASN D 87 6.97 -14.36 26.74
CA ASN D 87 7.86 -13.92 27.82
C ASN D 87 7.61 -14.76 29.09
N ASN D 88 7.83 -16.08 28.97
CA ASN D 88 7.68 -17.11 30.00
C ASN D 88 8.64 -18.28 29.72
N SER D 89 8.97 -18.50 28.43
CA SER D 89 9.88 -19.55 27.94
C SER D 89 11.29 -19.00 27.79
N SER D 90 12.26 -19.61 28.49
CA SER D 90 13.66 -19.19 28.49
C SER D 90 14.53 -20.02 27.52
N HIS D 91 15.65 -19.41 27.08
CA HIS D 91 16.64 -20.00 26.20
C HIS D 91 17.90 -20.40 26.98
N TRP D 92 18.02 -19.91 28.23
CA TRP D 92 19.18 -20.17 29.08
C TRP D 92 18.83 -20.93 30.36
N ASP D 93 17.64 -21.57 30.43
CA ASP D 93 17.25 -22.41 31.56
C ASP D 93 18.10 -23.70 31.49
N LEU D 94 18.50 -24.28 32.66
CA LEU D 94 19.36 -25.47 32.76
C LEU D 94 19.25 -26.44 31.56
N GLY D 95 18.02 -26.80 31.18
CA GLY D 95 17.73 -27.70 30.07
C GLY D 95 18.18 -27.17 28.71
N SER D 96 17.75 -25.93 28.39
CA SER D 96 18.10 -25.24 27.13
C SER D 96 19.57 -24.80 27.11
N ALA D 97 20.17 -24.61 28.30
CA ALA D 97 21.57 -24.23 28.50
C ALA D 97 22.46 -25.46 28.36
N PHE D 98 21.92 -26.65 28.69
CA PHE D 98 22.60 -27.96 28.52
C PHE D 98 22.70 -28.25 27.03
N PHE D 99 21.58 -28.03 26.30
CA PHE D 99 21.52 -28.22 24.87
C PHE D 99 22.41 -27.21 24.16
N PHE D 100 22.46 -25.93 24.65
CA PHE D 100 23.35 -24.90 24.08
C PHE D 100 24.79 -25.37 24.19
N ALA D 101 25.20 -25.80 25.41
CA ALA D 101 26.53 -26.33 25.69
C ALA D 101 26.84 -27.47 24.74
N GLY D 102 25.85 -28.37 24.59
CA GLY D 102 25.90 -29.52 23.69
C GLY D 102 26.07 -29.16 22.23
N THR D 103 25.46 -28.04 21.79
CA THR D 103 25.54 -27.54 20.42
C THR D 103 26.94 -26.98 20.13
N VAL D 104 27.61 -26.42 21.15
CA VAL D 104 28.96 -25.84 21.04
C VAL D 104 30.01 -26.98 20.96
N ILE D 105 29.87 -28.00 21.82
CA ILE D 105 30.78 -29.15 21.94
C ILE D 105 30.73 -30.01 20.66
N THR D 106 29.55 -30.19 20.05
CA THR D 106 29.38 -31.00 18.84
C THR D 106 29.81 -30.26 17.54
N THR D 107 30.20 -28.96 17.66
CA THR D 107 30.62 -28.05 16.56
C THR D 107 29.47 -27.79 15.56
N ILE D 108 28.21 -27.95 16.01
CA ILE D 108 27.03 -27.67 15.21
C ILE D 108 26.83 -26.14 15.16
N GLY D 109 26.89 -25.50 16.34
CA GLY D 109 26.76 -24.06 16.56
C GLY D 109 25.63 -23.40 15.81
N TYR D 110 24.40 -23.95 15.99
CA TYR D 110 23.14 -23.55 15.35
C TYR D 110 23.07 -22.07 15.00
N GLY D 111 23.16 -21.20 16.00
CA GLY D 111 23.12 -19.77 15.71
C GLY D 111 21.77 -19.11 15.86
N ASN D 112 20.76 -19.86 16.35
CA ASN D 112 19.44 -19.30 16.65
C ASN D 112 19.58 -18.56 17.99
N ILE D 113 20.57 -18.97 18.79
CA ILE D 113 20.96 -18.41 20.08
C ILE D 113 22.51 -18.50 20.20
N ALA D 114 23.13 -17.40 20.66
CA ALA D 114 24.58 -17.26 20.86
C ALA D 114 24.86 -16.35 22.08
N PRO D 115 26.05 -16.43 22.74
CA PRO D 115 26.29 -15.56 23.90
C PRO D 115 26.26 -14.07 23.54
N SER D 116 25.51 -13.28 24.33
CA SER D 116 25.37 -11.85 24.15
C SER D 116 26.33 -11.08 25.08
N THR D 117 26.45 -11.54 26.35
CA THR D 117 27.32 -10.98 27.39
C THR D 117 28.79 -11.09 26.97
N GLU D 118 29.63 -10.10 27.38
CA GLU D 118 31.07 -10.10 27.11
C GLU D 118 31.71 -11.34 27.77
N GLY D 119 31.30 -11.60 29.01
CA GLY D 119 31.75 -12.76 29.78
C GLY D 119 31.27 -14.08 29.21
N GLY D 120 30.05 -14.06 28.69
CA GLY D 120 29.44 -15.21 28.03
C GLY D 120 30.22 -15.63 26.81
N LYS D 121 30.76 -14.63 26.06
CA LYS D 121 31.59 -14.83 24.87
C LYS D 121 32.99 -15.34 25.29
N ILE D 122 33.57 -14.75 26.37
CA ILE D 122 34.88 -15.16 26.92
C ILE D 122 34.82 -16.64 27.32
N PHE D 123 33.80 -17.01 28.13
CA PHE D 123 33.61 -18.39 28.59
C PHE D 123 33.39 -19.33 27.42
N CYS D 124 32.63 -18.89 26.39
CA CYS D 124 32.34 -19.69 25.20
C CYS D 124 33.60 -20.05 24.43
N ILE D 125 34.59 -19.12 24.35
CA ILE D 125 35.87 -19.32 23.66
C ILE D 125 36.63 -20.46 24.36
N LEU D 126 36.76 -20.35 25.70
CA LEU D 126 37.44 -21.34 26.55
C LEU D 126 36.68 -22.66 26.60
N TYR D 127 35.33 -22.60 26.60
CA TYR D 127 34.45 -23.77 26.65
C TYR D 127 34.57 -24.59 25.37
N ALA D 128 34.76 -23.93 24.21
CA ALA D 128 34.94 -24.59 22.92
C ALA D 128 36.35 -25.19 22.78
N ILE D 129 37.39 -24.43 23.21
CA ILE D 129 38.80 -24.80 23.16
C ILE D 129 39.07 -26.15 23.87
N PHE D 130 38.47 -26.37 25.06
CA PHE D 130 38.67 -27.60 25.83
C PHE D 130 37.54 -28.62 25.63
N GLY D 131 36.34 -28.13 25.34
CA GLY D 131 35.17 -28.97 25.15
C GLY D 131 35.08 -29.76 23.86
N ILE D 132 35.46 -29.14 22.71
CA ILE D 132 35.44 -29.79 21.39
C ILE D 132 36.40 -31.01 21.40
N PRO D 133 37.67 -30.95 21.92
CA PRO D 133 38.50 -32.16 21.95
C PRO D 133 37.94 -33.21 22.92
N LEU D 134 37.26 -32.79 24.02
CA LEU D 134 36.64 -33.69 25.01
C LEU D 134 35.54 -34.55 24.35
N PHE D 135 34.79 -33.96 23.40
CA PHE D 135 33.75 -34.65 22.64
C PHE D 135 34.39 -35.56 21.60
N GLY D 136 35.53 -35.12 21.06
CA GLY D 136 36.32 -35.86 20.08
C GLY D 136 36.70 -37.22 20.62
N PHE D 137 37.10 -37.27 21.91
CA PHE D 137 37.46 -38.48 22.64
C PHE D 137 36.24 -39.40 22.80
N LEU D 138 35.07 -38.84 23.18
CA LEU D 138 33.83 -39.61 23.34
C LEU D 138 33.35 -40.18 21.99
N LEU D 139 33.44 -39.35 20.93
CA LEU D 139 33.05 -39.73 19.57
C LEU D 139 33.99 -40.81 19.00
N ALA D 140 35.30 -40.73 19.33
CA ALA D 140 36.31 -41.72 18.92
C ALA D 140 36.16 -42.99 19.75
N GLY D 141 35.67 -42.82 20.98
CA GLY D 141 35.42 -43.91 21.92
C GLY D 141 34.31 -44.82 21.44
N ILE D 142 33.14 -44.22 21.09
CA ILE D 142 31.98 -44.95 20.54
C ILE D 142 32.31 -45.40 19.10
N GLY D 143 33.13 -44.59 18.41
CA GLY D 143 33.59 -44.85 17.05
C GLY D 143 34.48 -46.08 16.93
N ASP D 144 35.30 -46.36 17.96
CA ASP D 144 36.17 -47.53 18.02
C ASP D 144 35.39 -48.79 18.37
N GLN D 145 34.42 -48.66 19.30
CA GLN D 145 33.56 -49.77 19.74
C GLN D 145 32.66 -50.25 18.60
N LEU D 146 32.00 -49.29 17.89
CA LEU D 146 31.13 -49.59 16.75
C LEU D 146 31.93 -50.09 15.54
N GLY D 147 33.15 -49.57 15.38
CA GLY D 147 34.07 -49.94 14.31
C GLY D 147 34.52 -51.39 14.37
N THR D 148 34.67 -51.92 15.60
CA THR D 148 35.04 -53.32 15.88
C THR D 148 33.84 -54.22 15.52
N ILE D 149 32.61 -53.74 15.82
CA ILE D 149 31.35 -54.43 15.50
C ILE D 149 31.18 -54.47 13.97
N PHE D 150 31.53 -53.37 13.27
CA PHE D 150 31.49 -53.27 11.81
C PHE D 150 32.53 -54.17 11.16
N GLY D 151 33.71 -54.27 11.78
CA GLY D 151 34.83 -55.09 11.33
C GLY D 151 34.54 -56.58 11.45
N LYS D 152 33.83 -56.98 12.52
CA LYS D 152 33.42 -58.36 12.78
C LYS D 152 32.28 -58.76 11.81
N SER D 153 31.39 -57.79 11.51
CA SER D 153 30.25 -57.97 10.59
C SER D 153 30.73 -58.13 9.15
N ILE D 154 31.70 -57.30 8.70
CA ILE D 154 32.26 -57.35 7.34
C ILE D 154 33.08 -58.64 7.16
N ALA D 155 33.81 -59.09 8.21
CA ALA D 155 34.60 -60.32 8.19
C ALA D 155 33.71 -61.56 8.00
N ARG D 156 32.49 -61.53 8.60
CA ARG D 156 31.48 -62.60 8.49
C ARG D 156 30.93 -62.67 7.06
N VAL D 157 30.69 -61.49 6.43
CA VAL D 157 30.18 -61.35 5.05
C VAL D 157 31.30 -61.72 4.06
N GLU D 158 32.57 -61.39 4.39
CA GLU D 158 33.75 -61.67 3.58
C GLU D 158 33.97 -63.16 3.39
N LYS D 159 33.76 -63.97 4.46
CA LYS D 159 33.90 -65.43 4.42
C LYS D 159 32.81 -66.08 3.57
N VAL D 160 31.60 -65.49 3.55
CA VAL D 160 30.44 -65.97 2.80
C VAL D 160 30.62 -65.69 1.29
N PHE D 161 30.99 -64.44 0.91
CA PHE D 161 31.17 -64.04 -0.48
C PHE D 161 32.54 -64.45 -1.07
N ARG D 162 33.48 -64.95 -0.25
CA ARG D 162 34.79 -65.44 -0.71
C ARG D 162 34.59 -66.71 -1.54
N LYS D 163 33.64 -67.57 -1.10
CA LYS D 163 33.24 -68.80 -1.76
C LYS D 163 32.47 -68.49 -3.05
N LYS D 164 31.79 -67.32 -3.09
CA LYS D 164 31.02 -66.82 -4.23
C LYS D 164 31.93 -66.13 -5.29
N GLN D 165 33.25 -66.10 -5.03
CA GLN D 165 34.32 -65.54 -5.86
C GLN D 165 34.11 -64.02 -6.07
N VAL D 166 34.15 -63.27 -4.95
CA VAL D 166 33.99 -61.81 -4.90
C VAL D 166 35.25 -61.21 -4.24
N SER D 167 35.84 -60.17 -4.86
CA SER D 167 37.05 -59.49 -4.35
C SER D 167 36.78 -58.77 -3.03
N GLN D 168 37.82 -58.69 -2.16
CA GLN D 168 37.75 -58.06 -0.83
C GLN D 168 37.29 -56.61 -0.91
N THR D 169 37.75 -55.86 -1.94
CA THR D 169 37.39 -54.46 -2.16
C THR D 169 35.89 -54.33 -2.49
N LYS D 170 35.38 -55.22 -3.38
CA LYS D 170 33.97 -55.25 -3.79
C LYS D 170 33.04 -55.56 -2.60
N ILE D 171 33.47 -56.48 -1.70
CA ILE D 171 32.73 -56.85 -0.49
C ILE D 171 32.71 -55.65 0.47
N ARG D 172 33.90 -55.04 0.71
CA ARG D 172 34.08 -53.88 1.58
C ARG D 172 33.25 -52.67 1.12
N VAL D 173 33.19 -52.42 -0.21
CA VAL D 173 32.45 -51.30 -0.80
C VAL D 173 30.93 -51.51 -0.60
N ILE D 174 30.38 -52.69 -0.96
CA ILE D 174 28.96 -53.03 -0.83
C ILE D 174 28.52 -52.98 0.65
N SER D 175 29.38 -53.49 1.58
CA SER D 175 29.12 -53.49 3.02
C SER D 175 29.00 -52.07 3.58
N THR D 176 29.91 -51.16 3.15
CA THR D 176 29.95 -49.76 3.56
C THR D 176 28.68 -49.04 3.10
N ILE D 177 28.23 -49.29 1.84
CA ILE D 177 27.00 -48.71 1.27
C ILE D 177 25.80 -49.14 2.13
N LEU D 178 25.79 -50.42 2.57
CA LEU D 178 24.76 -50.99 3.44
C LEU D 178 24.76 -50.33 4.83
N PHE D 179 25.97 -50.09 5.42
CA PHE D 179 26.11 -49.40 6.71
C PHE D 179 25.65 -47.94 6.61
N ILE D 180 25.95 -47.28 5.47
CA ILE D 180 25.56 -45.90 5.17
C ILE D 180 24.03 -45.85 5.07
N LEU D 181 23.41 -46.78 4.30
CA LEU D 181 21.96 -46.89 4.13
C LEU D 181 21.24 -47.19 5.43
N ALA D 182 21.84 -48.03 6.30
CA ALA D 182 21.30 -48.40 7.61
C ALA D 182 21.13 -47.15 8.50
N GLY D 183 22.16 -46.31 8.53
CA GLY D 183 22.17 -45.06 9.27
C GLY D 183 21.25 -44.01 8.67
N CYS D 184 21.04 -44.08 7.35
CA CYS D 184 20.17 -43.17 6.61
C CYS D 184 18.69 -43.43 6.95
N ILE D 185 18.35 -44.63 7.43
CA ILE D 185 16.99 -44.96 7.82
C ILE D 185 16.83 -44.65 9.32
N VAL D 186 17.64 -45.31 10.17
CA VAL D 186 17.66 -45.24 11.63
C VAL D 186 17.91 -43.80 12.15
N PHE D 187 18.94 -43.09 11.65
CA PHE D 187 19.33 -41.76 12.15
C PHE D 187 18.95 -40.59 11.23
N VAL D 188 18.49 -40.84 9.99
CA VAL D 188 18.15 -39.73 9.09
C VAL D 188 16.63 -39.75 8.76
N THR D 189 16.11 -40.84 8.17
CA THR D 189 14.70 -40.97 7.74
C THR D 189 13.73 -40.96 8.94
N ILE D 190 13.83 -41.98 9.84
CA ILE D 190 12.98 -42.15 11.02
C ILE D 190 12.94 -40.84 11.89
N PRO D 191 14.07 -40.19 12.29
CA PRO D 191 13.95 -38.97 13.09
C PRO D 191 13.28 -37.81 12.35
N ALA D 192 13.51 -37.68 11.02
CA ALA D 192 12.90 -36.63 10.18
C ALA D 192 11.37 -36.76 10.19
N VAL D 193 10.87 -38.02 10.14
CA VAL D 193 9.44 -38.35 10.18
C VAL D 193 8.88 -37.92 11.55
N ILE D 194 9.65 -38.16 12.65
CA ILE D 194 9.27 -37.78 14.01
C ILE D 194 9.22 -36.24 14.10
N PHE D 195 10.26 -35.55 13.55
CA PHE D 195 10.35 -34.08 13.54
C PHE D 195 9.25 -33.44 12.67
N LYS D 196 8.74 -34.19 11.66
CA LYS D 196 7.67 -33.73 10.77
C LYS D 196 6.34 -33.63 11.54
N TYR D 197 6.04 -34.63 12.40
CA TYR D 197 4.83 -34.69 13.21
C TYR D 197 4.93 -33.82 14.48
N ILE D 198 6.08 -33.83 15.18
CA ILE D 198 6.28 -33.08 16.42
C ILE D 198 6.40 -31.57 16.14
N GLU D 199 7.42 -31.16 15.35
CA GLU D 199 7.70 -29.75 15.04
C GLU D 199 6.69 -29.14 14.05
N GLY D 200 5.99 -29.98 13.30
CA GLY D 200 5.01 -29.54 12.32
C GLY D 200 5.62 -28.92 11.08
N TRP D 201 6.78 -29.45 10.66
CA TRP D 201 7.52 -29.01 9.47
C TRP D 201 7.04 -29.79 8.25
N THR D 202 7.48 -29.39 7.05
CA THR D 202 7.15 -30.11 5.81
C THR D 202 8.11 -31.29 5.69
N ALA D 203 7.86 -32.20 4.73
CA ALA D 203 8.71 -33.38 4.52
C ALA D 203 10.16 -32.98 4.22
N LEU D 204 10.36 -31.92 3.41
CA LEU D 204 11.66 -31.39 3.02
C LEU D 204 12.37 -30.74 4.20
N GLU D 205 11.72 -29.75 4.88
CA GLU D 205 12.24 -29.01 6.03
C GLU D 205 12.80 -29.93 7.12
N SER D 206 12.12 -31.07 7.34
CA SER D 206 12.45 -32.10 8.32
C SER D 206 13.76 -32.81 7.94
N ILE D 207 13.89 -33.29 6.68
CA ILE D 207 15.07 -33.97 6.14
C ILE D 207 16.24 -32.97 6.06
N TYR D 208 15.96 -31.73 5.59
CA TYR D 208 16.92 -30.62 5.51
C TYR D 208 17.51 -30.37 6.91
N PHE D 209 16.65 -30.30 7.95
CA PHE D 209 17.07 -30.11 9.33
C PHE D 209 18.03 -31.21 9.78
N VAL D 210 17.60 -32.48 9.62
CA VAL D 210 18.34 -33.69 10.00
C VAL D 210 19.72 -33.71 9.31
N VAL D 211 19.78 -33.40 8.00
CA VAL D 211 21.03 -33.36 7.24
C VAL D 211 21.92 -32.23 7.79
N VAL D 212 21.40 -30.99 7.90
CA VAL D 212 22.12 -29.80 8.40
C VAL D 212 22.64 -30.02 9.86
N THR D 213 21.93 -30.84 10.65
CA THR D 213 22.26 -31.14 12.05
C THR D 213 23.43 -32.14 12.13
N LEU D 214 23.28 -33.35 11.53
CA LEU D 214 24.26 -34.43 11.57
C LEU D 214 25.56 -34.12 10.82
N THR D 215 25.51 -33.26 9.80
CA THR D 215 26.71 -32.85 9.04
C THR D 215 27.53 -31.81 9.83
N THR D 216 27.02 -31.40 11.02
CA THR D 216 27.55 -30.38 11.96
C THR D 216 27.57 -28.98 11.30
N VAL D 217 26.78 -28.78 10.23
CA VAL D 217 26.67 -27.50 9.52
C VAL D 217 25.94 -26.53 10.47
N GLY D 218 24.76 -26.94 10.94
CA GLY D 218 23.93 -26.21 11.90
C GLY D 218 23.66 -24.76 11.57
N PHE D 219 22.70 -24.51 10.67
CA PHE D 219 22.33 -23.16 10.27
C PHE D 219 21.49 -22.48 11.33
N GLY D 220 20.67 -23.27 12.01
CA GLY D 220 19.78 -22.75 13.04
C GLY D 220 18.50 -22.13 12.51
N ASP D 221 18.28 -22.23 11.18
CA ASP D 221 17.07 -21.73 10.53
C ASP D 221 15.91 -22.68 10.87
N PHE D 222 16.27 -23.88 11.37
CA PHE D 222 15.40 -24.94 11.87
C PHE D 222 16.11 -25.58 13.04
N VAL D 223 15.50 -25.51 14.24
CA VAL D 223 16.05 -26.09 15.47
C VAL D 223 14.93 -26.82 16.18
N ALA D 224 15.22 -28.03 16.69
CA ALA D 224 14.24 -28.82 17.45
C ALA D 224 14.05 -28.20 18.84
N GLY D 225 12.80 -28.01 19.24
CA GLY D 225 12.46 -27.38 20.51
C GLY D 225 12.65 -25.87 20.51
N GLY D 226 12.48 -25.26 19.34
CA GLY D 226 12.65 -23.82 19.14
C GLY D 226 11.38 -23.01 19.05
N ASN D 227 10.23 -23.67 18.77
CA ASN D 227 8.93 -23.02 18.65
C ASN D 227 8.41 -22.52 20.00
N ALA D 228 8.04 -21.23 20.06
CA ALA D 228 7.50 -20.60 21.26
C ALA D 228 6.05 -21.08 21.53
N GLY D 229 5.33 -21.40 20.45
CA GLY D 229 3.96 -21.87 20.47
C GLY D 229 3.79 -23.30 20.93
N ILE D 230 4.68 -24.21 20.46
CA ILE D 230 4.62 -25.62 20.82
C ILE D 230 5.08 -25.82 22.27
N ASN D 231 4.24 -26.48 23.09
CA ASN D 231 4.53 -26.79 24.49
C ASN D 231 5.26 -28.13 24.57
N TYR D 232 6.59 -28.08 24.38
CA TYR D 232 7.47 -29.26 24.37
C TYR D 232 7.63 -29.89 25.74
N ARG D 233 7.85 -31.21 25.75
CA ARG D 233 8.09 -31.98 26.97
C ARG D 233 9.52 -31.74 27.46
N GLU D 234 9.77 -31.95 28.77
CA GLU D 234 11.06 -31.74 29.42
C GLU D 234 12.17 -32.63 28.84
N TRP D 235 11.84 -33.86 28.44
CA TRP D 235 12.78 -34.84 27.89
C TRP D 235 13.14 -34.60 26.41
N TYR D 236 12.35 -33.78 25.67
CA TYR D 236 12.55 -33.53 24.23
C TYR D 236 13.94 -32.94 23.91
N LYS D 237 14.27 -31.72 24.43
CA LYS D 237 15.53 -31.00 24.20
C LYS D 237 16.78 -31.89 24.49
N PRO D 238 16.94 -32.61 25.64
CA PRO D 238 18.12 -33.48 25.80
C PRO D 238 18.11 -34.71 24.88
N LEU D 239 16.94 -35.38 24.68
CA LEU D 239 16.79 -36.55 23.80
C LEU D 239 17.26 -36.25 22.36
N VAL D 240 16.96 -35.04 21.86
CA VAL D 240 17.36 -34.55 20.54
C VAL D 240 18.90 -34.56 20.49
N TRP D 241 19.57 -34.05 21.54
CA TRP D 241 21.03 -34.05 21.63
C TRP D 241 21.56 -35.50 21.72
N PHE D 242 20.83 -36.40 22.39
CA PHE D 242 21.29 -37.79 22.51
C PHE D 242 21.19 -38.50 21.15
N TRP D 243 20.21 -38.12 20.29
CA TRP D 243 20.09 -38.62 18.91
C TRP D 243 21.27 -38.10 18.09
N ILE D 244 21.67 -36.83 18.34
CA ILE D 244 22.81 -36.15 17.73
C ILE D 244 24.09 -36.91 18.10
N LEU D 245 24.20 -37.35 19.38
CA LEU D 245 25.34 -38.10 19.90
C LEU D 245 25.45 -39.50 19.25
N VAL D 246 24.34 -40.28 19.23
CA VAL D 246 24.32 -41.64 18.64
C VAL D 246 24.49 -41.54 17.11
N GLY D 247 23.83 -40.56 16.49
CA GLY D 247 23.88 -40.28 15.06
C GLY D 247 25.23 -39.85 14.55
N LEU D 248 25.92 -38.97 15.30
CA LEU D 248 27.27 -38.50 14.95
C LEU D 248 28.30 -39.58 15.14
N ALA D 249 28.18 -40.38 16.23
CA ALA D 249 29.09 -41.48 16.54
C ALA D 249 29.02 -42.59 15.50
N TYR D 250 27.80 -42.90 15.01
CA TYR D 250 27.56 -43.93 14.00
C TYR D 250 28.24 -43.58 12.68
N PHE D 251 28.03 -42.35 12.17
CA PHE D 251 28.63 -41.90 10.93
C PHE D 251 30.14 -41.64 11.10
N ALA D 252 30.60 -41.39 12.34
CA ALA D 252 32.03 -41.21 12.63
C ALA D 252 32.74 -42.57 12.60
N ALA D 253 32.08 -43.61 13.14
CA ALA D 253 32.57 -44.99 13.18
C ALA D 253 32.69 -45.57 11.77
N VAL D 254 31.77 -45.19 10.85
CA VAL D 254 31.77 -45.62 9.44
C VAL D 254 32.93 -44.91 8.73
N LEU D 255 33.12 -43.60 9.00
CA LEU D 255 34.18 -42.76 8.44
C LEU D 255 35.55 -43.20 8.90
N SER D 256 35.67 -43.67 10.17
CA SER D 256 36.92 -44.17 10.76
C SER D 256 37.34 -45.45 10.04
N MET D 257 36.36 -46.35 9.78
CA MET D 257 36.49 -47.63 9.11
C MET D 257 37.00 -47.46 7.66
N ILE D 258 36.46 -46.46 6.92
CA ILE D 258 36.85 -46.14 5.53
C ILE D 258 38.26 -45.55 5.54
N GLY D 259 38.53 -44.67 6.51
CA GLY D 259 39.81 -44.01 6.70
C GLY D 259 40.93 -45.00 6.97
N ASP D 260 40.68 -46.01 7.83
CA ASP D 260 41.66 -47.03 8.20
C ASP D 260 42.08 -47.87 6.99
N TRP D 261 41.12 -48.16 6.07
CA TRP D 261 41.36 -48.93 4.86
C TRP D 261 42.18 -48.13 3.84
N LEU D 262 41.87 -46.82 3.68
CA LEU D 262 42.55 -45.92 2.74
C LEU D 262 44.00 -45.64 3.14
N ARG D 263 44.33 -45.74 4.45
CA ARG D 263 45.68 -45.53 4.98
C ARG D 263 46.58 -46.70 4.57
N VAL D 264 46.04 -47.93 4.57
CA VAL D 264 46.74 -49.16 4.16
C VAL D 264 46.90 -49.14 2.62
N LEU D 265 45.91 -48.53 1.91
CA LEU D 265 45.88 -48.37 0.45
C LEU D 265 46.93 -47.36 0.00
K K E . -24.78 21.26 -10.81
K K F . -27.62 27.39 -12.72
C28 PC1 G . -35.99 38.72 8.90
C29 PC1 G . -35.93 37.40 8.14
C2A PC1 G . -34.95 36.37 8.71
C2B PC1 G . -35.01 35.03 8.01
C2C PC1 G . -33.95 34.03 8.47
C2D PC1 G . -34.09 32.66 7.82
C2E PC1 G . -33.12 31.63 8.35
C2F PC1 G . -33.39 30.22 7.84
C2G PC1 G . -32.35 29.18 8.28
C2H PC1 G . -32.44 27.81 7.61
C2I PC1 G . -31.30 26.85 7.94
CD CD H . -3.63 0.49 2.83
F2 40D I . -24.52 35.33 -1.54
C16 40D I . -23.85 34.66 -2.47
F 40D I . -22.58 35.03 -2.36
F1 40D I . -23.90 33.40 -2.10
C13 40D I . -24.39 34.87 -3.86
C12 40D I . -25.75 34.70 -4.12
C11 40D I . -26.27 34.92 -5.39
C14 40D I . -23.54 35.25 -4.89
C15 40D I . -24.05 35.46 -6.15
BR 40D I . -22.84 35.97 -7.52
C10 40D I . -25.41 35.30 -6.43
O 40D I . -25.85 35.53 -7.72
C38 PC1 J . -22.02 46.56 -7.46
C39 PC1 J . -22.33 48.02 -7.72
C3A PC1 J . -23.42 48.25 -8.76
C3B PC1 J . -23.84 49.71 -8.91
C3C PC1 J . -24.94 49.94 -9.92
C3D PC1 J . -25.42 51.38 -10.00
C3E PC1 J . -26.52 51.60 -11.02
C3F PC1 J . -27.00 53.05 -11.12
K K K . -26.08 24.28 -11.73
F2 40D L . -32.70 24.96 -25.94
C16 40D L . -32.87 24.55 -24.68
F 40D L . -33.97 23.82 -24.70
F1 40D L . -31.87 23.70 -24.42
C13 40D L . -32.93 25.70 -23.72
C12 40D L . -31.97 26.69 -23.74
C11 40D L . -32.00 27.74 -22.83
C14 40D L . -33.92 25.74 -22.74
C15 40D L . -33.96 26.79 -21.83
BR 40D L . -35.32 26.83 -20.52
C10 40D L . -32.99 27.80 -21.86
O 40D L . -33.08 28.80 -20.92
K K M . 26.54 -23.07 12.53
K K N . 28.85 -25.61 12.38
K K O . 31.07 -28.13 11.93
F2 40D P . 43.00 -21.83 17.50
C16 40D P . 41.77 -22.19 17.84
F 40D P . 41.70 -22.03 19.16
F1 40D P . 40.95 -21.28 17.32
C13 40D P . 41.43 -23.58 17.38
C12 40D P . 41.65 -23.96 16.06
C11 40D P . 41.33 -25.24 15.63
C14 40D P . 40.88 -24.50 18.26
C15 40D P . 40.57 -25.78 17.83
BR 40D P . 39.83 -27.02 19.06
C10 40D P . 40.79 -26.16 16.50
O 40D P . 40.46 -27.44 16.15
CD CD Q . 0.45 -5.61 3.37
C39 PC1 R . 30.83 -44.28 -0.60
C3A PC1 R . 32.31 -44.51 -0.87
C3B PC1 R . 32.88 -45.72 -0.17
C3C PC1 R . 34.34 -45.98 -0.52
C3D PC1 R . 34.85 -47.34 -0.06
C3E PC1 R . 36.33 -47.57 -0.34
C3F PC1 R . 36.90 -48.81 0.30
C3G PC1 R . 38.42 -48.85 0.31
C3H PC1 R . 39.02 -50.23 0.60
C29 PC1 S . 18.61 -48.88 17.17
C2A PC1 S . 17.53 -47.91 16.73
C2B PC1 S . 17.70 -46.51 17.29
C2C PC1 S . 16.67 -45.51 16.79
C2D PC1 S . 16.79 -44.14 17.43
C2E PC1 S . 15.69 -43.18 17.05
C2F PC1 S . 15.71 -41.89 17.85
C2G PC1 S . 14.66 -40.88 17.42
F2 40D T . 23.62 -38.78 6.89
C16 40D T . 24.02 -37.58 6.51
F 40D T . 23.75 -37.49 5.21
F1 40D T . 23.22 -36.73 7.13
C13 40D T . 25.47 -37.32 6.81
C12 40D T . 25.99 -37.55 8.09
C11 40D T . 27.33 -37.32 8.38
C14 40D T . 26.31 -36.86 5.82
C15 40D T . 27.65 -36.62 6.09
BR 40D T . 28.77 -35.97 4.70
C10 40D T . 28.17 -36.85 7.37
O 40D T . 29.51 -36.59 7.58
#